data_8DY2
#
_entry.id   8DY2
#
_cell.length_a   45.630
_cell.length_b   78.940
_cell.length_c   257.300
_cell.angle_alpha   90.000
_cell.angle_beta   90.000
_cell.angle_gamma   90.000
#
_symmetry.space_group_name_H-M   'P 21 21 21'
#
loop_
_entity.id
_entity.type
_entity.pdbx_description
1 polymer 'spFv GLK1 LH'
2 non-polymer 'SULFATE ION'
3 water water
#
_entity_poly.entity_id   1
_entity_poly.type   'polypeptide(L)'
_entity_poly.pdbx_seq_one_letter_code
;DIQMTQSPSSLSASVGDRVTITCRASQSISSYLNWYQQKPGCAPKLLIYAASSLQSGVPSRFSGSGSGTDFTLTISSLQP
EDFATYYCQQSYSTPLTFGQGTKVEIKRGGGSGGSGGCPPCGGSGGEVQLLESGGGLVQPGGSLRLSCAASGFTFSSYAM
SWVRQAPGKGLEWVSAISGSGGSTYYADSVKGRFTISRDNSKNTLYLQMNSLRAEDTAVYYCAKYDGIYGELDFWGCGTL
VTVSSGHHHHHH
;
_entity_poly.pdbx_strand_id   A,B,C,D
#
loop_
_chem_comp.id
_chem_comp.type
_chem_comp.name
_chem_comp.formula
SO4 non-polymer 'SULFATE ION' 'O4 S -2'
#
# COMPACT_ATOMS: atom_id res chain seq x y z
N ASP A 1 2.08 26.65 -0.41
CA ASP A 1 0.84 25.98 -0.03
C ASP A 1 0.08 25.48 -1.26
N ILE A 2 -0.14 24.17 -1.32
CA ILE A 2 -1.00 23.58 -2.34
C ILE A 2 -2.44 23.64 -1.85
N GLN A 3 -3.31 24.21 -2.65
CA GLN A 3 -4.71 24.43 -2.28
C GLN A 3 -5.55 23.27 -2.82
N MET A 4 -6.22 22.57 -1.91
CA MET A 4 -7.11 21.47 -2.26
C MET A 4 -8.56 21.97 -2.22
N THR A 5 -9.29 21.73 -3.30
CA THR A 5 -10.68 22.17 -3.41
C THR A 5 -11.57 20.97 -3.68
N GLN A 6 -12.57 20.77 -2.83
CA GLN A 6 -13.55 19.71 -3.01
C GLN A 6 -14.86 20.30 -3.51
N SER A 7 -15.61 19.49 -4.26
CA SER A 7 -16.93 19.88 -4.71
C SER A 7 -17.78 18.63 -4.85
N PRO A 8 -19.04 18.65 -4.39
CA PRO A 8 -19.65 19.83 -3.75
C PRO A 8 -19.22 19.99 -2.30
N SER A 9 -19.62 21.09 -1.66
CA SER A 9 -19.37 21.27 -0.24
C SER A 9 -20.32 20.44 0.61
N SER A 10 -21.55 20.25 0.15
CA SER A 10 -22.53 19.44 0.84
C SER A 10 -23.30 18.63 -0.20
N LEU A 11 -23.99 17.59 0.27
CA LEU A 11 -24.58 16.63 -0.65
C LEU A 11 -25.71 15.90 0.05
N SER A 12 -26.86 15.80 -0.61
CA SER A 12 -28.00 15.04 -0.12
C SER A 12 -28.15 13.78 -0.96
N ALA A 13 -28.39 12.65 -0.30
CA ALA A 13 -28.46 11.38 -1.00
C ALA A 13 -29.30 10.40 -0.19
N SER A 14 -29.66 9.29 -0.84
CA SER A 14 -30.47 8.25 -0.25
C SER A 14 -29.68 6.95 -0.17
N VAL A 15 -30.08 6.08 0.76
CA VAL A 15 -29.42 4.78 0.89
C VAL A 15 -29.55 4.02 -0.42
N GLY A 16 -28.41 3.57 -0.94
CA GLY A 16 -28.34 2.91 -2.22
C GLY A 16 -27.87 3.78 -3.37
N ASP A 17 -27.85 5.10 -3.19
CA ASP A 17 -27.39 6.01 -4.22
C ASP A 17 -25.92 5.83 -4.53
N ARG A 18 -25.54 6.25 -5.73
CA ARG A 18 -24.14 6.38 -6.11
C ARG A 18 -23.70 7.82 -5.83
N VAL A 19 -22.67 7.99 -5.02
CA VAL A 19 -22.16 9.30 -4.65
C VAL A 19 -20.72 9.41 -5.11
N THR A 20 -20.39 10.54 -5.74
CA THR A 20 -19.02 10.82 -6.16
C THR A 20 -18.63 12.19 -5.62
N ILE A 21 -17.42 12.27 -5.05
CA ILE A 21 -16.87 13.51 -4.52
C ILE A 21 -15.57 13.80 -5.25
N THR A 22 -15.40 15.06 -5.67
CA THR A 22 -14.25 15.48 -6.45
C THR A 22 -13.30 16.31 -5.60
N CYS A 23 -12.00 16.12 -5.83
CA CYS A 23 -10.94 16.85 -5.14
C CYS A 23 -9.95 17.34 -6.18
N ARG A 24 -9.73 18.65 -6.23
CA ARG A 24 -8.82 19.28 -7.18
C ARG A 24 -7.67 19.94 -6.44
N ALA A 25 -6.45 19.74 -6.95
CA ALA A 25 -5.24 20.34 -6.39
C ALA A 25 -4.77 21.46 -7.28
N SER A 26 -4.27 22.54 -6.66
CA SER A 26 -3.81 23.70 -7.40
C SER A 26 -2.51 23.44 -8.16
N GLN A 27 -1.91 22.27 -7.98
CA GLN A 27 -0.79 21.84 -8.80
C GLN A 27 -0.71 20.32 -8.70
N SER A 28 0.03 19.73 -9.63
CA SER A 28 0.08 18.27 -9.69
C SER A 28 0.71 17.70 -8.42
N ILE A 29 0.04 16.70 -7.85
CA ILE A 29 0.50 16.03 -6.64
C ILE A 29 0.73 14.54 -6.87
N SER A 30 0.79 14.11 -8.13
CA SER A 30 1.00 12.70 -8.50
C SER A 30 -0.12 11.87 -7.89
N SER A 31 0.17 10.88 -7.05
CA SER A 31 -0.85 10.09 -6.38
C SER A 31 -0.85 10.28 -4.87
N TYR A 32 -0.19 11.34 -4.38
CA TYR A 32 -0.10 11.59 -2.94
C TYR A 32 -1.39 12.30 -2.49
N LEU A 33 -2.48 11.54 -2.54
CA LEU A 33 -3.82 12.04 -2.21
C LEU A 33 -4.53 10.97 -1.41
N ASN A 34 -5.01 11.33 -0.22
CA ASN A 34 -5.65 10.40 0.68
C ASN A 34 -7.04 10.90 1.05
N TRP A 35 -7.94 9.97 1.36
CA TRP A 35 -9.33 10.28 1.65
C TRP A 35 -9.69 9.83 3.07
N TYR A 36 -10.40 10.70 3.79
CA TYR A 36 -10.78 10.44 5.17
C TYR A 36 -12.28 10.65 5.36
N GLN A 37 -12.85 9.84 6.23
CA GLN A 37 -14.24 9.98 6.65
C GLN A 37 -14.26 10.42 8.11
N GLN A 38 -15.14 11.37 8.43
CA GLN A 38 -15.31 11.81 9.81
C GLN A 38 -16.77 12.07 10.11
N LYS A 39 -17.24 11.48 11.14
CA LYS A 39 -18.57 11.73 11.67
C LYS A 39 -18.49 12.73 12.81
N PRO A 40 -19.57 13.47 13.08
CA PRO A 40 -19.51 14.52 14.12
C PRO A 40 -19.10 13.96 15.47
N GLY A 41 -18.12 14.61 16.09
CA GLY A 41 -17.60 14.19 17.38
C GLY A 41 -16.68 12.98 17.34
N CYS A 42 -16.36 12.46 16.15
CA CYS A 42 -15.47 11.32 16.00
C CYS A 42 -14.12 11.78 15.46
N ALA A 43 -13.12 10.93 15.65
CA ALA A 43 -11.85 11.11 14.97
C ALA A 43 -12.01 10.71 13.50
N PRO A 44 -11.19 11.27 12.62
CA PRO A 44 -11.24 10.85 11.22
C PRO A 44 -10.85 9.40 11.06
N LYS A 45 -11.27 8.81 9.95
CA LYS A 45 -10.97 7.43 9.60
C LYS A 45 -10.41 7.39 8.19
N LEU A 46 -9.28 6.71 8.01
CA LEU A 46 -8.66 6.61 6.69
C LEU A 46 -9.46 5.66 5.80
N LEU A 47 -9.80 6.12 4.60
CA LEU A 47 -10.54 5.33 3.63
C LEU A 47 -9.66 4.90 2.46
N ILE A 48 -9.03 5.85 1.78
CA ILE A 48 -8.23 5.59 0.59
C ILE A 48 -6.89 6.27 0.76
N TYR A 49 -5.82 5.60 0.37
CA TYR A 49 -4.50 6.19 0.30
C TYR A 49 -3.89 5.93 -1.07
N ALA A 50 -2.88 6.72 -1.41
CA ALA A 50 -2.23 6.64 -2.72
C ALA A 50 -3.26 6.75 -3.84
N ALA A 51 -4.23 7.66 -3.64
CA ALA A 51 -5.26 8.01 -4.62
C ALA A 51 -6.33 6.93 -4.82
N SER A 52 -5.92 5.66 -4.82
CA SER A 52 -6.86 4.61 -5.20
C SER A 52 -6.76 3.33 -4.38
N SER A 53 -5.83 3.23 -3.43
CA SER A 53 -5.70 2.02 -2.63
C SER A 53 -6.69 2.06 -1.47
N LEU A 54 -7.47 0.99 -1.33
CA LEU A 54 -8.47 0.91 -0.28
C LEU A 54 -7.80 0.47 1.03
N GLN A 55 -8.05 1.22 2.10
CA GLN A 55 -7.46 0.88 3.39
C GLN A 55 -8.08 -0.40 3.94
N SER A 56 -7.25 -1.22 4.58
CA SER A 56 -7.70 -2.49 5.10
C SER A 56 -8.86 -2.30 6.07
N GLY A 57 -9.97 -3.00 5.78
CA GLY A 57 -11.16 -2.92 6.60
C GLY A 57 -12.26 -2.04 6.05
N VAL A 58 -12.00 -1.30 4.98
CA VAL A 58 -12.99 -0.39 4.41
C VAL A 58 -13.76 -1.12 3.31
N PRO A 59 -15.09 -1.03 3.31
CA PRO A 59 -15.87 -1.79 2.32
C PRO A 59 -15.53 -1.41 0.89
N SER A 60 -15.75 -2.37 -0.01
CA SER A 60 -15.38 -2.22 -1.42
C SER A 60 -16.27 -1.24 -2.17
N ARG A 61 -17.40 -0.82 -1.61
CA ARG A 61 -18.19 0.22 -2.26
C ARG A 61 -17.45 1.55 -2.29
N PHE A 62 -16.40 1.71 -1.49
CA PHE A 62 -15.55 2.89 -1.55
C PHE A 62 -14.44 2.66 -2.58
N SER A 63 -14.21 3.66 -3.41
CA SER A 63 -13.15 3.57 -4.40
C SER A 63 -12.67 4.97 -4.74
N GLY A 64 -11.40 5.05 -5.13
CA GLY A 64 -10.81 6.32 -5.51
C GLY A 64 -10.15 6.22 -6.87
N SER A 65 -10.04 7.36 -7.53
CA SER A 65 -9.43 7.41 -8.86
C SER A 65 -8.79 8.77 -9.05
N GLY A 66 -7.92 8.86 -10.05
CA GLY A 66 -7.34 10.13 -10.41
C GLY A 66 -5.85 10.23 -10.15
N SER A 67 -5.21 11.20 -10.79
CA SER A 67 -3.79 11.46 -10.58
C SER A 67 -3.52 12.89 -11.04
N GLY A 68 -2.40 13.43 -10.58
CA GLY A 68 -2.06 14.78 -10.93
C GLY A 68 -2.82 15.82 -10.14
N THR A 69 -3.87 16.38 -10.71
CA THR A 69 -4.61 17.46 -10.07
C THR A 69 -6.06 17.16 -9.77
N ASP A 70 -6.66 16.15 -10.39
CA ASP A 70 -8.09 15.88 -10.25
C ASP A 70 -8.29 14.46 -9.74
N PHE A 71 -8.99 14.34 -8.61
CA PHE A 71 -9.23 13.07 -7.95
C PHE A 71 -10.71 12.96 -7.59
N THR A 72 -11.21 11.71 -7.58
CA THR A 72 -12.61 11.45 -7.28
C THR A 72 -12.72 10.29 -6.29
N LEU A 73 -13.54 10.49 -5.27
CA LEU A 73 -13.92 9.41 -4.36
C LEU A 73 -15.34 8.98 -4.70
N THR A 74 -15.54 7.67 -4.82
CA THR A 74 -16.84 7.11 -5.19
C THR A 74 -17.32 6.16 -4.10
N ILE A 75 -18.58 6.32 -3.71
CA ILE A 75 -19.29 5.33 -2.92
C ILE A 75 -20.37 4.75 -3.84
N SER A 76 -20.19 3.50 -4.26
CA SER A 76 -21.05 2.94 -5.30
C SER A 76 -22.48 2.72 -4.81
N SER A 77 -22.65 2.39 -3.54
CA SER A 77 -23.99 2.15 -2.99
C SER A 77 -24.01 2.67 -1.56
N LEU A 78 -24.45 3.91 -1.39
CA LEU A 78 -24.46 4.55 -0.08
C LEU A 78 -25.24 3.72 0.93
N GLN A 79 -24.64 3.51 2.09
CA GLN A 79 -25.21 2.73 3.17
C GLN A 79 -25.57 3.63 4.35
N PRO A 80 -26.43 3.16 5.27
CA PRO A 80 -26.82 4.02 6.41
C PRO A 80 -25.64 4.56 7.20
N GLU A 81 -24.56 3.78 7.33
CA GLU A 81 -23.41 4.19 8.12
C GLU A 81 -22.46 5.11 7.36
N ASP A 82 -22.73 5.42 6.10
CA ASP A 82 -21.83 6.23 5.29
C ASP A 82 -22.15 7.72 5.36
N PHE A 83 -23.24 8.11 6.04
CA PHE A 83 -23.55 9.53 6.16
C PHE A 83 -22.55 10.18 7.10
N ALA A 84 -21.78 11.13 6.57
CA ALA A 84 -20.63 11.71 7.23
C ALA A 84 -20.02 12.80 6.35
N THR A 85 -18.90 13.37 6.78
CA THR A 85 -18.16 14.33 5.99
C THR A 85 -16.87 13.68 5.50
N TYR A 86 -16.49 13.97 4.25
CA TYR A 86 -15.37 13.33 3.60
C TYR A 86 -14.34 14.38 3.19
N TYR A 87 -13.08 14.12 3.52
CA TYR A 87 -11.97 15.02 3.25
C TYR A 87 -10.93 14.34 2.39
N CYS A 88 -10.39 15.08 1.43
CA CYS A 88 -9.16 14.66 0.77
C CYS A 88 -7.98 15.41 1.39
N GLN A 89 -6.79 14.84 1.22
CA GLN A 89 -5.58 15.45 1.76
C GLN A 89 -4.41 15.12 0.87
N GLN A 90 -3.61 16.12 0.53
CA GLN A 90 -2.39 15.89 -0.22
C GLN A 90 -1.23 15.67 0.74
N SER A 91 -0.39 14.70 0.42
CA SER A 91 0.83 14.41 1.16
C SER A 91 2.05 14.59 0.27
N TYR A 92 1.91 15.41 -0.78
CA TYR A 92 2.94 15.65 -1.77
C TYR A 92 3.96 16.68 -1.33
N SER A 93 3.52 17.73 -0.65
CA SER A 93 4.40 18.84 -0.28
C SER A 93 3.91 19.46 1.01
N THR A 94 4.86 19.80 1.90
CA THR A 94 4.51 20.49 3.13
C THR A 94 4.34 21.98 2.86
N PRO A 95 3.36 22.65 3.50
CA PRO A 95 2.44 22.08 4.48
C PRO A 95 1.42 21.13 3.85
N LEU A 96 1.22 19.98 4.48
CA LEU A 96 0.16 19.09 4.02
C LEU A 96 -1.18 19.79 4.18
N THR A 97 -2.02 19.68 3.17
CA THR A 97 -3.26 20.45 3.13
C THR A 97 -4.45 19.54 2.88
N PHE A 98 -5.53 19.80 3.63
CA PHE A 98 -6.81 19.12 3.48
C PHE A 98 -7.71 19.91 2.55
N GLY A 99 -8.61 19.19 1.88
CA GLY A 99 -9.75 19.84 1.26
C GLY A 99 -10.70 20.33 2.34
N GLN A 100 -11.65 21.18 1.92
CA GLN A 100 -12.56 21.77 2.89
C GLN A 100 -13.62 20.78 3.39
N GLY A 101 -13.74 19.62 2.76
CA GLY A 101 -14.68 18.62 3.21
C GLY A 101 -15.99 18.67 2.44
N THR A 102 -16.62 17.49 2.31
CA THR A 102 -17.91 17.35 1.66
C THR A 102 -18.83 16.58 2.58
N LYS A 103 -19.91 17.22 3.02
CA LYS A 103 -20.86 16.59 3.93
C LYS A 103 -21.90 15.83 3.11
N VAL A 104 -22.09 14.56 3.44
CA VAL A 104 -23.08 13.71 2.79
C VAL A 104 -24.21 13.49 3.78
N GLU A 105 -25.38 14.07 3.48
CA GLU A 105 -26.49 14.15 4.41
C GLU A 105 -27.63 13.22 3.98
N ILE A 106 -28.60 13.08 4.88
CA ILE A 106 -29.76 12.23 4.67
C ILE A 106 -30.90 13.07 4.09
N LYS A 107 -31.47 12.59 2.98
CA LYS A 107 -32.78 13.01 2.46
C LYS A 107 -32.97 12.40 1.07
N GLY A 111 -35.10 8.60 5.26
CA GLY A 111 -35.39 7.20 5.55
C GLY A 111 -34.16 6.34 5.68
N SER A 112 -33.43 6.49 6.78
CA SER A 112 -32.15 5.81 6.97
C SER A 112 -31.81 5.77 8.45
N GLY A 113 -31.07 4.74 8.85
CA GLY A 113 -30.67 4.62 10.24
C GLY A 113 -29.44 3.77 10.46
N GLY A 114 -28.42 4.35 11.09
CA GLY A 114 -27.20 3.64 11.43
C GLY A 114 -27.12 3.31 12.90
N SER A 115 -26.16 2.45 13.23
CA SER A 115 -25.98 2.01 14.62
C SER A 115 -25.20 3.03 15.44
N GLY A 116 -24.85 4.19 14.88
CA GLY A 116 -24.00 5.14 15.55
C GLY A 116 -22.55 4.77 15.42
N GLY A 117 -21.80 4.86 16.52
CA GLY A 117 -20.43 4.41 16.54
C GLY A 117 -19.43 5.35 15.92
N CYS A 118 -18.38 5.68 16.68
CA CYS A 118 -17.19 6.33 16.14
C CYS A 118 -16.10 5.31 15.91
N PRO A 119 -15.15 5.59 15.03
CA PRO A 119 -14.03 4.68 14.85
C PRO A 119 -13.24 4.54 16.13
N PRO A 120 -12.61 3.38 16.36
CA PRO A 120 -11.79 3.23 17.57
C PRO A 120 -10.64 4.22 17.56
N CYS A 121 -10.42 4.85 18.72
CA CYS A 121 -9.39 5.86 18.85
C CYS A 121 -8.78 5.76 20.25
N GLY A 122 -7.71 6.51 20.47
CA GLY A 122 -7.19 6.55 21.80
C GLY A 122 -6.69 5.19 22.29
N GLY A 123 -6.64 5.07 23.61
CA GLY A 123 -6.28 3.83 24.25
C GLY A 123 -7.40 2.83 24.39
N SER A 124 -8.64 3.22 24.07
CA SER A 124 -9.78 2.32 24.17
C SER A 124 -10.19 1.76 22.81
N GLY A 125 -9.27 1.71 21.86
CA GLY A 125 -9.42 0.97 20.61
C GLY A 125 -8.81 -0.40 20.69
N GLY A 126 -8.12 -0.79 19.63
CA GLY A 126 -7.39 -2.04 19.55
C GLY A 126 -6.17 -1.82 18.68
N GLU A 127 -5.34 -2.87 18.64
CA GLU A 127 -4.06 -2.83 17.94
C GLU A 127 -3.19 -1.67 18.43
N VAL A 128 -3.43 -0.48 17.89
CA VAL A 128 -2.68 0.72 18.24
C VAL A 128 -3.48 1.50 19.27
N GLN A 129 -2.76 2.21 20.14
CA GLN A 129 -3.38 3.08 21.13
C GLN A 129 -2.65 4.41 21.16
N LEU A 130 -3.41 5.50 21.23
CA LEU A 130 -2.85 6.86 21.26
C LEU A 130 -3.65 7.67 22.28
N LEU A 131 -3.13 7.77 23.51
CA LEU A 131 -3.82 8.44 24.60
C LEU A 131 -3.47 9.94 24.60
N GLU A 132 -4.48 10.79 24.40
CA GLU A 132 -4.29 12.22 24.38
C GLU A 132 -4.59 12.83 25.75
N SER A 133 -3.94 13.96 26.03
CA SER A 133 -4.17 14.70 27.26
C SER A 133 -3.50 16.07 27.13
N GLY A 134 -4.00 17.02 27.92
CA GLY A 134 -3.41 18.34 28.00
C GLY A 134 -4.30 19.50 27.59
N GLY A 135 -5.44 19.23 26.95
CA GLY A 135 -6.31 20.31 26.52
C GLY A 135 -6.88 21.13 27.66
N GLY A 136 -7.65 22.16 27.33
CA GLY A 136 -8.29 22.96 28.34
C GLY A 136 -8.44 24.40 27.87
N LEU A 137 -8.72 25.27 28.84
CA LEU A 137 -9.02 26.67 28.59
C LEU A 137 -7.80 27.52 28.92
N VAL A 138 -7.46 28.43 28.01
CA VAL A 138 -6.36 29.37 28.20
C VAL A 138 -6.79 30.72 27.63
N GLN A 139 -6.18 31.77 28.13
CA GLN A 139 -6.48 33.09 27.62
C GLN A 139 -5.51 33.46 26.52
N PRO A 140 -5.91 34.39 25.63
CA PRO A 140 -5.01 34.79 24.53
C PRO A 140 -3.63 35.16 25.03
N GLY A 141 -2.62 34.71 24.28
CA GLY A 141 -1.23 34.87 24.66
C GLY A 141 -0.67 33.73 25.48
N GLY A 142 -1.53 32.89 26.05
CA GLY A 142 -1.10 31.83 26.95
C GLY A 142 -0.51 30.63 26.23
N SER A 143 -0.30 29.57 26.99
CA SER A 143 0.39 28.40 26.51
C SER A 143 -0.34 27.14 26.96
N LEU A 144 -0.03 26.04 26.29
CA LEU A 144 -0.65 24.75 26.58
C LEU A 144 0.20 23.67 25.94
N ARG A 145 0.34 22.54 26.63
CA ARG A 145 1.13 21.42 26.15
C ARG A 145 0.24 20.20 26.00
N LEU A 146 0.21 19.62 24.80
CA LEU A 146 -0.55 18.42 24.52
C LEU A 146 0.37 17.21 24.47
N SER A 147 -0.13 16.09 24.98
CA SER A 147 0.62 14.83 25.03
C SER A 147 -0.15 13.74 24.29
N CYS A 148 0.62 12.81 23.73
CA CYS A 148 0.04 11.68 22.99
C CYS A 148 0.90 10.46 23.31
N ALA A 149 0.44 9.64 24.25
CA ALA A 149 1.15 8.43 24.65
C ALA A 149 0.74 7.27 23.75
N ALA A 150 1.72 6.65 23.11
CA ALA A 150 1.48 5.62 22.11
C ALA A 150 1.82 4.24 22.67
N SER A 151 1.14 3.23 22.14
CA SER A 151 1.44 1.85 22.47
C SER A 151 0.87 0.94 21.39
N GLY A 152 1.42 -0.26 21.30
CA GLY A 152 0.98 -1.25 20.33
C GLY A 152 1.74 -1.28 19.03
N PHE A 153 2.81 -0.51 18.90
CA PHE A 153 3.62 -0.47 17.69
C PHE A 153 4.98 0.09 18.04
N THR A 154 5.94 -0.07 17.13
CA THR A 154 7.29 0.46 17.34
C THR A 154 7.26 1.95 17.07
N PHE A 155 7.17 2.74 18.14
CA PHE A 155 6.95 4.19 18.04
C PHE A 155 7.97 4.86 17.12
N SER A 156 9.25 4.52 17.26
CA SER A 156 10.30 5.23 16.53
C SER A 156 10.32 4.88 15.04
N SER A 157 9.52 3.92 14.59
CA SER A 157 9.46 3.58 13.19
C SER A 157 8.38 4.33 12.42
N TYR A 158 7.72 5.30 13.06
CA TYR A 158 6.58 5.98 12.44
C TYR A 158 6.64 7.47 12.69
N ALA A 159 6.49 8.25 11.62
CA ALA A 159 6.25 9.67 11.79
C ALA A 159 4.90 9.90 12.45
N MET A 160 4.77 11.06 13.10
CA MET A 160 3.56 11.42 13.82
C MET A 160 3.13 12.82 13.40
N SER A 161 1.85 13.12 13.61
CA SER A 161 1.26 14.35 13.14
C SER A 161 0.30 14.90 14.18
N TRP A 162 0.13 16.22 14.17
CA TRP A 162 -0.95 16.88 14.90
C TRP A 162 -1.87 17.54 13.88
N VAL A 163 -3.17 17.28 14.04
CA VAL A 163 -4.22 17.81 13.16
C VAL A 163 -5.29 18.42 14.05
N ARG A 164 -5.75 19.61 13.71
CA ARG A 164 -6.75 20.29 14.52
C ARG A 164 -8.01 20.55 13.70
N GLN A 165 -9.09 20.87 14.42
CA GLN A 165 -10.39 21.11 13.80
C GLN A 165 -11.14 22.12 14.64
N ALA A 166 -11.24 23.36 14.16
CA ALA A 166 -12.02 24.36 14.84
C ALA A 166 -13.50 23.93 14.88
N PRO A 167 -14.25 24.36 15.90
CA PRO A 167 -15.65 23.92 16.03
C PRO A 167 -16.48 24.19 14.77
N GLY A 168 -17.05 23.12 14.21
CA GLY A 168 -17.89 23.23 13.03
C GLY A 168 -17.16 23.50 11.74
N LYS A 169 -15.84 23.36 11.70
CA LYS A 169 -15.07 23.60 10.50
C LYS A 169 -14.28 22.35 10.13
N GLY A 170 -13.36 22.49 9.17
CA GLY A 170 -12.69 21.34 8.61
C GLY A 170 -11.38 21.00 9.28
N LEU A 171 -10.82 19.86 8.88
CA LEU A 171 -9.54 19.42 9.42
C LEU A 171 -8.41 20.31 8.91
N GLU A 172 -7.50 20.67 9.80
CA GLU A 172 -6.34 21.49 9.45
C GLU A 172 -5.08 20.82 9.97
N TRP A 173 -4.13 20.56 9.07
CA TRP A 173 -2.84 20.01 9.45
C TRP A 173 -2.04 21.05 10.23
N VAL A 174 -1.44 20.62 11.34
CA VAL A 174 -0.68 21.50 12.22
C VAL A 174 0.82 21.25 12.10
N SER A 175 1.25 20.01 12.30
CA SER A 175 2.68 19.73 12.38
C SER A 175 2.92 18.24 12.19
N ALA A 176 4.15 17.90 11.84
CA ALA A 176 4.57 16.51 11.72
C ALA A 176 6.02 16.37 12.17
N ILE A 177 6.38 15.16 12.57
CA ILE A 177 7.73 14.87 13.04
C ILE A 177 8.13 13.48 12.55
N SER A 178 9.37 13.34 12.11
CA SER A 178 9.85 12.05 11.62
C SER A 178 10.01 11.07 12.78
N GLY A 179 10.13 9.79 12.44
CA GLY A 179 10.22 8.75 13.45
C GLY A 179 11.35 8.99 14.45
N SER A 180 12.52 9.39 13.97
CA SER A 180 13.64 9.66 14.84
C SER A 180 13.54 11.01 15.55
N GLY A 181 12.67 11.89 15.07
CA GLY A 181 12.62 13.25 15.57
C GLY A 181 13.53 14.23 14.86
N GLY A 182 14.29 13.77 13.86
CA GLY A 182 15.27 14.62 13.21
C GLY A 182 14.70 15.67 12.29
N SER A 183 13.50 15.43 11.75
CA SER A 183 12.84 16.38 10.87
C SER A 183 11.48 16.76 11.44
N THR A 184 11.18 18.07 11.42
CA THR A 184 9.88 18.57 11.84
C THR A 184 9.35 19.54 10.78
N TYR A 185 8.02 19.62 10.71
CA TYR A 185 7.34 20.44 9.72
C TYR A 185 6.15 21.11 10.37
N TYR A 186 5.83 22.32 9.92
CA TYR A 186 4.80 23.13 10.56
C TYR A 186 3.95 23.83 9.51
N ALA A 187 2.66 23.97 9.83
CA ALA A 187 1.80 24.86 9.07
C ALA A 187 2.28 26.31 9.23
N ASP A 188 2.03 27.11 8.20
CA ASP A 188 2.47 28.51 8.22
C ASP A 188 1.96 29.25 9.45
N SER A 189 0.71 28.97 9.85
CA SER A 189 0.05 29.74 10.89
C SER A 189 0.58 29.46 12.30
N VAL A 190 1.44 28.45 12.47
CA VAL A 190 1.91 28.07 13.80
C VAL A 190 3.42 28.16 13.94
N LYS A 191 4.14 28.51 12.88
CA LYS A 191 5.59 28.57 12.97
C LYS A 191 6.02 29.67 13.94
N GLY A 192 7.05 29.36 14.74
CA GLY A 192 7.52 30.27 15.76
C GLY A 192 6.68 30.30 17.02
N ARG A 193 5.58 29.55 17.07
CA ARG A 193 4.73 29.49 18.25
C ARG A 193 4.52 28.09 18.80
N PHE A 194 4.52 27.07 17.95
CA PHE A 194 4.33 25.69 18.36
C PHE A 194 5.63 24.92 18.17
N THR A 195 5.80 23.85 18.94
CA THR A 195 6.94 22.95 18.79
C THR A 195 6.46 21.52 18.96
N ILE A 196 6.68 20.71 17.94
CA ILE A 196 6.40 19.28 18.01
C ILE A 196 7.68 18.56 18.42
N SER A 197 7.53 17.55 19.27
CA SER A 197 8.68 16.81 19.76
C SER A 197 8.21 15.44 20.23
N ARG A 198 9.16 14.54 20.40
CA ARG A 198 8.83 13.18 20.82
C ARG A 198 9.92 12.66 21.74
N ASP A 199 9.50 11.84 22.69
CA ASP A 199 10.40 11.15 23.62
C ASP A 199 10.31 9.66 23.28
N ASN A 200 11.25 9.18 22.47
CA ASN A 200 11.19 7.79 22.01
C ASN A 200 11.50 6.81 23.13
N SER A 201 12.10 7.25 24.23
CA SER A 201 12.28 6.36 25.36
C SER A 201 10.95 6.13 26.09
N LYS A 202 10.08 7.14 26.12
CA LYS A 202 8.79 7.04 26.79
C LYS A 202 7.64 6.81 25.82
N ASN A 203 7.90 6.81 24.51
CA ASN A 203 6.88 6.55 23.49
C ASN A 203 5.76 7.60 23.56
N THR A 204 6.14 8.87 23.59
CA THR A 204 5.18 9.95 23.74
C THR A 204 5.44 11.04 22.72
N LEU A 205 4.37 11.58 22.15
CA LEU A 205 4.41 12.70 21.23
C LEU A 205 3.93 13.95 21.94
N TYR A 206 4.58 15.08 21.69
CA TYR A 206 4.24 16.32 22.35
C TYR A 206 3.96 17.43 21.34
N LEU A 207 3.12 18.38 21.74
CA LEU A 207 2.94 19.64 21.05
C LEU A 207 2.92 20.74 22.09
N GLN A 208 4.00 21.52 22.17
CA GLN A 208 4.08 22.64 23.07
C GLN A 208 3.66 23.90 22.32
N MET A 209 2.63 24.57 22.82
CA MET A 209 2.10 25.78 22.20
C MET A 209 2.31 26.97 23.12
N ASN A 210 2.65 28.11 22.53
CA ASN A 210 2.71 29.38 23.25
C ASN A 210 2.16 30.46 22.33
N SER A 211 1.90 31.64 22.91
CA SER A 211 1.31 32.76 22.17
C SER A 211 0.02 32.34 21.48
N LEU A 212 -0.82 31.60 22.21
CA LEU A 212 -2.05 31.08 21.63
C LEU A 212 -3.00 32.22 21.29
N ARG A 213 -3.63 32.10 20.12
CA ARG A 213 -4.63 33.06 19.66
C ARG A 213 -6.01 32.40 19.67
N ALA A 214 -7.04 33.24 19.60
CA ALA A 214 -8.41 32.72 19.54
C ALA A 214 -8.59 31.80 18.34
N GLU A 215 -7.89 32.08 17.24
CA GLU A 215 -7.99 31.24 16.05
C GLU A 215 -7.38 29.86 16.23
N ASP A 216 -6.71 29.62 17.36
CA ASP A 216 -6.16 28.30 17.67
C ASP A 216 -7.15 27.40 18.38
N THR A 217 -8.31 27.92 18.78
CA THR A 217 -9.33 27.09 19.41
C THR A 217 -9.79 26.00 18.45
N ALA A 218 -9.65 24.75 18.88
CA ALA A 218 -9.94 23.60 18.02
C ALA A 218 -9.84 22.34 18.87
N VAL A 219 -10.34 21.25 18.31
CA VAL A 219 -10.04 19.91 18.80
C VAL A 219 -8.75 19.46 18.12
N TYR A 220 -7.76 19.04 18.93
CA TYR A 220 -6.45 18.67 18.42
C TYR A 220 -6.30 17.17 18.46
N TYR A 221 -5.95 16.58 17.32
CA TYR A 221 -5.74 15.15 17.18
C TYR A 221 -4.26 14.85 16.97
N CYS A 222 -3.77 13.81 17.62
CA CYS A 222 -2.52 13.19 17.21
C CYS A 222 -2.82 12.00 16.32
N ALA A 223 -1.99 11.80 15.31
CA ALA A 223 -2.22 10.77 14.31
C ALA A 223 -0.90 10.15 13.90
N LYS A 224 -0.93 8.84 13.67
CA LYS A 224 0.25 8.06 13.32
C LYS A 224 0.27 7.81 11.81
N TYR A 225 1.42 8.03 11.19
CA TYR A 225 1.58 7.75 9.77
C TYR A 225 1.76 6.26 9.52
N ASP A 226 1.62 5.88 8.25
CA ASP A 226 1.80 4.50 7.85
C ASP A 226 2.20 4.46 6.38
N GLY A 227 3.07 3.52 6.04
CA GLY A 227 3.43 3.33 4.64
C GLY A 227 4.36 4.41 4.14
N ILE A 228 4.20 4.76 2.86
CA ILE A 228 5.07 5.73 2.21
C ILE A 228 4.31 6.86 1.53
N TYR A 229 2.97 6.83 1.54
CA TYR A 229 2.18 7.83 0.84
C TYR A 229 1.58 8.88 1.76
N GLY A 230 2.06 8.98 2.99
CA GLY A 230 1.62 10.04 3.89
C GLY A 230 0.24 9.86 4.48
N GLU A 231 -0.28 8.64 4.52
CA GLU A 231 -1.58 8.40 5.11
C GLU A 231 -1.48 8.26 6.62
N LEU A 232 -2.52 8.71 7.32
CA LEU A 232 -2.62 8.63 8.77
C LEU A 232 -3.66 7.56 9.09
N ASP A 233 -3.21 6.39 9.54
CA ASP A 233 -4.11 5.25 9.70
C ASP A 233 -4.68 5.10 11.10
N PHE A 234 -4.15 5.81 12.10
CA PHE A 234 -4.73 5.74 13.44
C PHE A 234 -4.66 7.11 14.09
N TRP A 235 -5.75 7.49 14.77
CA TRP A 235 -5.91 8.83 15.33
C TRP A 235 -6.27 8.74 16.80
N GLY A 236 -5.83 9.76 17.55
CA GLY A 236 -6.35 9.95 18.88
C GLY A 236 -7.79 10.44 18.85
N CYS A 237 -8.46 10.35 20.00
CA CYS A 237 -9.86 10.74 20.03
C CYS A 237 -10.05 12.26 19.97
N GLY A 238 -9.00 13.03 20.20
CA GLY A 238 -9.09 14.47 20.16
C GLY A 238 -9.18 15.07 21.55
N THR A 239 -8.60 16.25 21.71
CA THR A 239 -8.69 17.00 22.95
C THR A 239 -8.95 18.47 22.61
N LEU A 240 -9.89 19.07 23.33
CA LEU A 240 -10.37 20.41 23.00
C LEU A 240 -9.48 21.47 23.64
N VAL A 241 -9.02 22.42 22.82
CA VAL A 241 -8.24 23.56 23.28
C VAL A 241 -9.04 24.82 22.98
N THR A 242 -9.37 25.58 24.02
CA THR A 242 -10.16 26.80 23.90
C THR A 242 -9.34 28.00 24.34
N VAL A 243 -9.21 28.98 23.45
CA VAL A 243 -8.52 30.23 23.74
C VAL A 243 -9.54 31.36 23.64
N SER A 244 -9.84 31.98 24.77
CA SER A 244 -10.72 33.14 24.80
C SER A 244 -10.56 33.82 26.16
N SER A 245 -10.99 35.08 26.21
CA SER A 245 -10.90 35.91 27.42
C SER A 245 -11.32 35.16 28.69
N ASP B 1 -14.92 -1.59 27.24
CA ASP B 1 -16.25 -1.06 27.53
C ASP B 1 -16.21 0.33 28.12
N ILE B 2 -17.16 1.17 27.70
CA ILE B 2 -17.38 2.46 28.33
C ILE B 2 -18.47 2.27 29.38
N GLN B 3 -18.16 2.62 30.62
CA GLN B 3 -19.11 2.49 31.72
C GLN B 3 -19.99 3.73 31.77
N MET B 4 -21.30 3.52 31.85
CA MET B 4 -22.28 4.60 31.98
C MET B 4 -22.88 4.53 33.38
N THR B 5 -22.75 5.61 34.14
CA THR B 5 -23.21 5.66 35.52
C THR B 5 -24.26 6.76 35.66
N GLN B 6 -25.46 6.36 36.07
CA GLN B 6 -26.54 7.30 36.33
C GLN B 6 -26.66 7.58 37.82
N SER B 7 -26.99 8.82 38.16
CA SER B 7 -27.23 9.21 39.54
C SER B 7 -28.43 10.15 39.59
N PRO B 8 -29.34 9.98 40.56
CA PRO B 8 -29.30 8.90 41.55
C PRO B 8 -29.84 7.61 40.96
N SER B 9 -29.75 6.50 41.71
CA SER B 9 -30.34 5.26 41.22
C SER B 9 -31.86 5.26 41.37
N SER B 10 -32.38 5.98 42.35
CA SER B 10 -33.81 6.18 42.49
C SER B 10 -34.04 7.56 43.07
N LEU B 11 -35.18 8.15 42.73
CA LEU B 11 -35.47 9.53 43.09
C LEU B 11 -36.94 9.66 43.44
N SER B 12 -37.23 10.26 44.59
CA SER B 12 -38.60 10.54 44.99
C SER B 12 -38.91 12.01 44.73
N ALA B 13 -40.03 12.26 44.04
CA ALA B 13 -40.40 13.62 43.67
C ALA B 13 -41.91 13.72 43.65
N SER B 14 -42.39 14.97 43.64
CA SER B 14 -43.81 15.26 43.59
C SER B 14 -44.18 15.81 42.22
N VAL B 15 -45.47 15.70 41.89
CA VAL B 15 -45.97 16.32 40.66
C VAL B 15 -45.68 17.81 40.70
N GLY B 16 -45.06 18.32 39.65
CA GLY B 16 -44.70 19.72 39.55
C GLY B 16 -43.23 20.01 39.82
N ASP B 17 -42.50 19.08 40.41
CA ASP B 17 -41.09 19.30 40.71
C ASP B 17 -40.27 19.43 39.43
N ARG B 18 -39.21 20.24 39.52
CA ARG B 18 -38.17 20.24 38.50
C ARG B 18 -37.18 19.13 38.84
N VAL B 19 -37.08 18.14 37.97
CA VAL B 19 -36.34 16.91 38.24
C VAL B 19 -35.15 16.85 37.29
N THR B 20 -33.97 16.49 37.83
CA THR B 20 -32.75 16.38 37.05
C THR B 20 -32.09 15.04 37.30
N ILE B 21 -31.77 14.33 36.22
CA ILE B 21 -31.08 13.04 36.27
C ILE B 21 -29.71 13.22 35.63
N THR B 22 -28.70 12.59 36.21
CA THR B 22 -27.33 12.70 35.74
C THR B 22 -26.85 11.37 35.18
N CYS B 23 -26.09 11.43 34.09
CA CYS B 23 -25.48 10.27 33.46
C CYS B 23 -24.04 10.60 33.13
N ARG B 24 -23.12 9.72 33.54
CA ARG B 24 -21.69 9.99 33.45
C ARG B 24 -21.00 8.85 32.72
N ALA B 25 -20.12 9.19 31.77
CA ALA B 25 -19.42 8.22 30.95
C ALA B 25 -17.98 8.08 31.40
N SER B 26 -17.46 6.85 31.32
CA SER B 26 -16.08 6.60 31.77
C SER B 26 -15.04 7.21 30.84
N GLN B 27 -15.42 7.62 29.65
CA GLN B 27 -14.55 8.39 28.76
C GLN B 27 -15.44 9.22 27.85
N SER B 28 -14.83 10.16 27.14
CA SER B 28 -15.60 11.07 26.30
C SER B 28 -16.38 10.31 25.23
N ILE B 29 -17.67 10.62 25.12
CA ILE B 29 -18.54 10.05 24.09
C ILE B 29 -19.12 11.14 23.20
N SER B 30 -18.55 12.35 23.25
CA SER B 30 -19.05 13.49 22.51
C SER B 30 -20.54 13.70 22.77
N SER B 31 -21.36 13.61 21.73
CA SER B 31 -22.80 13.76 21.87
C SER B 31 -23.56 12.47 21.61
N TYR B 32 -22.87 11.34 21.53
CA TYR B 32 -23.52 10.06 21.23
C TYR B 32 -24.13 9.47 22.50
N LEU B 33 -25.14 10.19 23.00
CA LEU B 33 -25.79 9.84 24.25
C LEU B 33 -27.30 9.94 24.05
N ASN B 34 -28.02 8.86 24.32
CA ASN B 34 -29.47 8.81 24.16
C ASN B 34 -30.14 8.52 25.49
N TRP B 35 -31.36 9.04 25.64
CA TRP B 35 -32.17 8.85 26.85
C TRP B 35 -33.43 8.08 26.50
N TYR B 36 -33.72 7.03 27.27
CA TYR B 36 -34.91 6.22 27.07
C TYR B 36 -35.77 6.24 28.33
N GLN B 37 -37.07 6.11 28.13
CA GLN B 37 -38.04 6.01 29.20
C GLN B 37 -38.70 4.63 29.12
N GLN B 38 -38.81 3.96 30.25
CA GLN B 38 -39.53 2.69 30.32
C GLN B 38 -40.47 2.68 31.51
N LYS B 39 -41.75 2.59 31.25
CA LYS B 39 -42.74 2.38 32.29
C LYS B 39 -42.84 0.89 32.61
N PRO B 40 -43.30 0.54 33.82
CA PRO B 40 -43.42 -0.88 34.15
C PRO B 40 -44.36 -1.61 33.19
N GLY B 41 -43.88 -2.75 32.68
CA GLY B 41 -44.66 -3.55 31.78
C GLY B 41 -44.74 -3.03 30.36
N CYS B 42 -43.98 -2.01 30.01
CA CYS B 42 -43.94 -1.48 28.66
C CYS B 42 -42.56 -1.70 28.04
N ALA B 43 -42.49 -1.48 26.73
CA ALA B 43 -41.23 -1.45 26.04
C ALA B 43 -40.58 -0.08 26.22
N PRO B 44 -39.26 0.02 26.12
CA PRO B 44 -38.60 1.31 26.24
C PRO B 44 -39.05 2.28 25.14
N LYS B 45 -38.87 3.57 25.42
CA LYS B 45 -39.29 4.63 24.51
C LYS B 45 -38.17 5.66 24.42
N LEU B 46 -37.81 6.02 23.20
CA LEU B 46 -36.78 7.04 23.00
C LEU B 46 -37.34 8.42 23.31
N LEU B 47 -36.63 9.14 24.18
CA LEU B 47 -36.98 10.52 24.50
C LEU B 47 -36.03 11.52 23.87
N ILE B 48 -34.73 11.37 24.10
CA ILE B 48 -33.74 12.33 23.65
C ILE B 48 -32.63 11.59 22.92
N TYR B 49 -32.07 12.23 21.90
CA TYR B 49 -30.94 11.70 21.17
C TYR B 49 -29.97 12.83 20.88
N ALA B 50 -28.74 12.44 20.53
CA ALA B 50 -27.64 13.39 20.35
C ALA B 50 -27.53 14.31 21.57
N ALA B 51 -27.75 13.72 22.75
CA ALA B 51 -27.62 14.37 24.05
C ALA B 51 -28.73 15.39 24.33
N SER B 52 -29.22 16.09 23.29
CA SER B 52 -30.14 17.19 23.52
C SER B 52 -31.33 17.26 22.56
N SER B 53 -31.39 16.42 21.53
CA SER B 53 -32.47 16.49 20.56
C SER B 53 -33.67 15.68 21.03
N LEU B 54 -34.83 16.33 21.12
CA LEU B 54 -36.05 15.63 21.50
C LEU B 54 -36.57 14.79 20.36
N GLN B 55 -36.94 13.55 20.66
CA GLN B 55 -37.62 12.74 19.67
C GLN B 55 -38.96 13.37 19.31
N SER B 56 -39.38 13.19 18.07
CA SER B 56 -40.65 13.74 17.59
C SER B 56 -41.79 13.37 18.53
N GLY B 57 -42.57 14.37 18.93
CA GLY B 57 -43.73 14.18 19.76
C GLY B 57 -43.48 14.15 21.25
N VAL B 58 -42.22 14.18 21.69
CA VAL B 58 -41.93 14.20 23.12
C VAL B 58 -42.31 15.56 23.69
N PRO B 59 -42.99 15.62 24.84
CA PRO B 59 -43.33 16.92 25.43
C PRO B 59 -42.09 17.74 25.72
N SER B 60 -42.23 19.06 25.60
CA SER B 60 -41.08 19.94 25.76
C SER B 60 -40.74 20.24 27.21
N ARG B 61 -41.42 19.61 28.18
CA ARG B 61 -40.91 19.67 29.54
C ARG B 61 -39.67 18.81 29.73
N PHE B 62 -39.37 17.95 28.76
CA PHE B 62 -38.14 17.16 28.76
C PHE B 62 -37.04 17.92 28.03
N SER B 63 -35.88 18.02 28.66
CA SER B 63 -34.69 18.61 28.03
C SER B 63 -33.48 17.75 28.35
N GLY B 64 -32.50 17.81 27.46
CA GLY B 64 -31.26 17.09 27.65
C GLY B 64 -30.07 18.00 27.39
N SER B 65 -28.97 17.68 28.06
CA SER B 65 -27.83 18.58 28.08
C SER B 65 -26.55 17.78 28.28
N GLY B 66 -25.44 18.33 27.79
CA GLY B 66 -24.14 17.76 28.06
C GLY B 66 -23.37 17.33 26.82
N SER B 67 -22.07 17.13 26.99
CA SER B 67 -21.22 16.58 25.94
C SER B 67 -19.96 16.05 26.60
N GLY B 68 -19.31 15.11 25.91
CA GLY B 68 -18.12 14.50 26.47
C GLY B 68 -18.45 13.42 27.48
N THR B 69 -18.41 13.77 28.77
CA THR B 69 -18.54 12.77 29.82
C THR B 69 -19.71 12.98 30.77
N ASP B 70 -20.23 14.20 30.91
CA ASP B 70 -21.28 14.49 31.88
C ASP B 70 -22.55 14.93 31.15
N PHE B 71 -23.65 14.25 31.45
CA PHE B 71 -24.93 14.49 30.78
C PHE B 71 -26.03 14.56 31.81
N THR B 72 -27.08 15.33 31.49
CA THR B 72 -28.21 15.52 32.39
C THR B 72 -29.51 15.44 31.61
N LEU B 73 -30.53 14.87 32.25
CA LEU B 73 -31.90 14.88 31.75
C LEU B 73 -32.75 15.66 32.73
N THR B 74 -33.47 16.67 32.24
CA THR B 74 -34.27 17.54 33.08
C THR B 74 -35.73 17.48 32.65
N ILE B 75 -36.62 17.30 33.62
CA ILE B 75 -38.06 17.47 33.42
C ILE B 75 -38.44 18.72 34.18
N SER B 76 -38.87 19.76 33.46
CA SER B 76 -39.08 21.06 34.08
C SER B 76 -40.27 21.07 35.02
N SER B 77 -41.22 20.15 34.88
CA SER B 77 -42.37 20.06 35.77
C SER B 77 -42.87 18.62 35.72
N LEU B 78 -42.49 17.83 36.72
CA LEU B 78 -42.80 16.41 36.72
C LEU B 78 -44.31 16.19 36.70
N GLN B 79 -44.77 15.38 35.75
CA GLN B 79 -46.19 15.08 35.59
C GLN B 79 -46.47 13.63 35.96
N PRO B 80 -47.71 13.31 36.36
CA PRO B 80 -47.99 11.95 36.84
C PRO B 80 -47.67 10.86 35.81
N GLU B 81 -47.77 11.16 34.52
CA GLU B 81 -47.41 10.19 33.49
C GLU B 81 -45.90 10.05 33.31
N ASP B 82 -45.10 10.79 34.06
CA ASP B 82 -43.65 10.77 33.92
C ASP B 82 -42.96 9.84 34.92
N PHE B 83 -43.71 9.25 35.85
CA PHE B 83 -43.13 8.32 36.82
C PHE B 83 -42.75 7.02 36.11
N ALA B 84 -41.45 6.77 36.00
CA ALA B 84 -40.92 5.66 35.23
C ALA B 84 -39.43 5.53 35.55
N THR B 85 -38.75 4.65 34.83
CA THR B 85 -37.30 4.50 34.92
C THR B 85 -36.66 5.03 33.65
N TYR B 86 -35.61 5.83 33.80
CA TYR B 86 -34.95 6.49 32.68
C TYR B 86 -33.55 5.92 32.51
N TYR B 87 -33.20 5.58 31.27
CA TYR B 87 -31.92 4.97 30.94
C TYR B 87 -31.18 5.85 29.94
N CYS B 88 -29.88 6.06 30.20
CA CYS B 88 -29.00 6.61 29.20
C CYS B 88 -28.23 5.47 28.54
N GLN B 89 -27.86 5.66 27.28
CA GLN B 89 -27.03 4.72 26.56
C GLN B 89 -26.06 5.50 25.70
N GLN B 90 -24.80 5.08 25.71
CA GLN B 90 -23.79 5.67 24.84
C GLN B 90 -23.79 4.93 23.51
N SER B 91 -23.70 5.69 22.42
CA SER B 91 -23.62 5.13 21.08
C SER B 91 -22.32 5.52 20.40
N TYR B 92 -21.29 5.79 21.20
CA TYR B 92 -20.00 6.27 20.72
C TYR B 92 -19.06 5.13 20.33
N SER B 93 -19.05 4.05 21.13
CA SER B 93 -18.10 2.96 20.96
C SER B 93 -18.76 1.63 21.25
N THR B 94 -18.64 0.69 20.32
CA THR B 94 -19.11 -0.66 20.58
C THR B 94 -18.13 -1.36 21.54
N PRO B 95 -18.62 -2.16 22.50
CA PRO B 95 -20.04 -2.48 22.70
C PRO B 95 -20.84 -1.31 23.27
N LEU B 96 -21.98 -1.01 22.65
CA LEU B 96 -22.86 0.02 23.16
C LEU B 96 -23.38 -0.40 24.52
N THR B 97 -23.43 0.53 25.46
CA THR B 97 -23.76 0.22 26.84
C THR B 97 -24.79 1.19 27.39
N PHE B 98 -25.63 0.67 28.27
CA PHE B 98 -26.64 1.44 28.99
C PHE B 98 -26.13 1.84 30.36
N GLY B 99 -26.71 2.92 30.89
CA GLY B 99 -26.62 3.17 32.30
C GLY B 99 -27.52 2.22 33.07
N GLN B 100 -27.39 2.23 34.39
CA GLN B 100 -28.15 1.30 35.20
C GLN B 100 -29.60 1.72 35.38
N GLY B 101 -29.94 2.94 35.06
CA GLY B 101 -31.32 3.40 35.17
C GLY B 101 -31.56 4.21 36.42
N THR B 102 -32.47 5.17 36.32
CA THR B 102 -32.93 5.98 37.44
C THR B 102 -34.44 5.82 37.53
N LYS B 103 -34.92 5.20 38.61
CA LYS B 103 -36.35 5.07 38.83
C LYS B 103 -36.86 6.35 39.50
N VAL B 104 -37.82 7.01 38.85
CA VAL B 104 -38.46 8.20 39.40
C VAL B 104 -39.74 7.75 40.09
N GLU B 105 -39.76 7.88 41.41
CA GLU B 105 -40.84 7.39 42.26
C GLU B 105 -41.65 8.54 42.84
N ILE B 106 -42.81 8.19 43.36
CA ILE B 106 -43.64 9.14 44.10
C ILE B 106 -43.12 9.25 45.52
N LYS B 107 -43.07 10.48 46.03
CA LYS B 107 -42.57 10.70 47.39
C LYS B 107 -43.40 9.91 48.39
N ARG B 108 -42.71 9.34 49.39
CA ARG B 108 -43.38 8.68 50.50
C ARG B 108 -44.36 9.66 51.15
N GLY B 109 -45.52 9.14 51.55
CA GLY B 109 -46.57 9.99 52.09
C GLY B 109 -47.24 10.88 51.08
N GLY B 110 -46.83 10.84 49.81
CA GLY B 110 -47.49 11.57 48.76
C GLY B 110 -48.19 10.62 47.80
N GLY B 111 -49.11 11.14 47.00
CA GLY B 111 -49.82 10.32 46.04
C GLY B 111 -49.78 10.96 44.67
N SER B 112 -50.12 10.14 43.67
CA SER B 112 -50.09 10.54 42.28
C SER B 112 -50.77 9.46 41.46
N GLY B 113 -51.24 9.84 40.28
CA GLY B 113 -51.93 8.88 39.44
C GLY B 113 -51.98 9.27 37.98
N GLY B 114 -51.35 8.45 37.14
CA GLY B 114 -51.44 8.63 35.71
C GLY B 114 -52.55 7.79 35.12
N SER B 115 -52.80 7.98 33.82
CA SER B 115 -53.88 7.27 33.15
C SER B 115 -53.42 5.96 32.51
N GLY B 116 -52.23 5.48 32.87
CA GLY B 116 -51.74 4.24 32.32
C GLY B 116 -51.26 4.40 30.88
N GLY B 117 -51.35 3.31 30.13
CA GLY B 117 -50.94 3.33 28.74
C GLY B 117 -49.46 3.07 28.55
N CYS B 118 -49.13 2.25 27.56
CA CYS B 118 -47.76 2.00 27.13
C CYS B 118 -47.53 2.63 25.76
N PRO B 119 -46.28 2.92 25.42
CA PRO B 119 -45.99 3.33 24.04
C PRO B 119 -46.27 2.20 23.09
N PRO B 120 -46.60 2.51 21.84
CA PRO B 120 -46.79 1.45 20.84
C PRO B 120 -45.51 0.67 20.61
N CYS B 121 -45.62 -0.65 20.63
CA CYS B 121 -44.50 -1.53 20.36
C CYS B 121 -44.97 -2.67 19.47
N GLY B 122 -44.03 -3.43 18.96
CA GLY B 122 -44.37 -4.66 18.25
C GLY B 122 -45.16 -4.37 16.98
N GLY B 123 -46.28 -5.07 16.84
CA GLY B 123 -47.19 -4.91 15.73
C GLY B 123 -48.32 -3.94 15.95
N SER B 124 -48.36 -3.25 17.09
CA SER B 124 -49.45 -2.35 17.43
C SER B 124 -49.15 -0.90 17.05
N GLY B 125 -48.10 -0.65 16.28
CA GLY B 125 -47.79 0.69 15.83
C GLY B 125 -48.49 1.04 14.52
N GLY B 126 -48.23 2.26 14.07
CA GLY B 126 -48.81 2.75 12.84
C GLY B 126 -47.85 2.71 11.67
N GLU B 127 -46.72 3.41 11.80
CA GLU B 127 -45.78 3.51 10.69
C GLU B 127 -45.05 2.19 10.47
N VAL B 128 -44.50 1.59 11.53
CA VAL B 128 -43.66 0.41 11.41
C VAL B 128 -44.09 -0.66 12.40
N GLN B 129 -43.69 -1.89 12.11
CA GLN B 129 -44.07 -3.05 12.91
C GLN B 129 -42.88 -3.97 13.12
N LEU B 130 -42.77 -4.54 14.32
CA LEU B 130 -41.69 -5.48 14.67
C LEU B 130 -42.29 -6.63 15.46
N LEU B 131 -42.47 -7.77 14.80
CA LEU B 131 -43.11 -8.94 15.41
C LEU B 131 -42.04 -9.97 15.78
N GLU B 132 -42.06 -10.39 17.04
CA GLU B 132 -41.03 -11.28 17.58
C GLU B 132 -41.59 -12.67 17.83
N SER B 133 -40.67 -13.62 17.99
CA SER B 133 -40.99 -15.03 18.23
C SER B 133 -39.70 -15.76 18.53
N GLY B 134 -39.83 -16.90 19.22
CA GLY B 134 -38.70 -17.81 19.42
C GLY B 134 -38.28 -18.02 20.85
N GLY B 135 -38.92 -17.37 21.82
CA GLY B 135 -38.58 -17.57 23.21
C GLY B 135 -39.19 -18.83 23.80
N GLY B 136 -38.94 -19.02 25.08
CA GLY B 136 -39.45 -20.18 25.79
C GLY B 136 -38.46 -20.65 26.84
N LEU B 137 -38.65 -21.88 27.29
CA LEU B 137 -37.85 -22.47 28.35
C LEU B 137 -36.77 -23.37 27.76
N VAL B 138 -35.53 -23.18 28.23
CA VAL B 138 -34.39 -24.01 27.83
C VAL B 138 -33.56 -24.29 29.08
N GLN B 139 -32.76 -25.34 29.01
CA GLN B 139 -31.85 -25.71 30.07
C GLN B 139 -30.43 -25.25 29.74
N PRO B 140 -29.58 -25.04 30.75
CA PRO B 140 -28.22 -24.56 30.48
C PRO B 140 -27.49 -25.45 29.49
N GLY B 141 -26.72 -24.81 28.61
CA GLY B 141 -26.07 -25.47 27.51
C GLY B 141 -26.87 -25.52 26.23
N GLY B 142 -28.19 -25.32 26.31
CA GLY B 142 -29.06 -25.40 25.16
C GLY B 142 -28.92 -24.22 24.22
N SER B 143 -29.85 -24.14 23.27
CA SER B 143 -29.79 -23.15 22.21
C SER B 143 -31.18 -22.68 21.82
N LEU B 144 -31.25 -21.44 21.31
CA LEU B 144 -32.48 -20.85 20.84
C LEU B 144 -32.18 -19.90 19.69
N ARG B 145 -33.19 -19.66 18.87
CA ARG B 145 -33.11 -18.68 17.79
C ARG B 145 -34.31 -17.77 17.87
N LEU B 146 -34.06 -16.48 18.09
CA LEU B 146 -35.12 -15.49 18.11
C LEU B 146 -35.26 -14.87 16.72
N SER B 147 -36.50 -14.62 16.33
CA SER B 147 -36.83 -13.96 15.08
C SER B 147 -37.48 -12.63 15.37
N CYS B 148 -37.31 -11.69 14.44
CA CYS B 148 -37.90 -10.36 14.54
C CYS B 148 -38.31 -9.95 13.13
N ALA B 149 -39.58 -10.15 12.81
CA ALA B 149 -40.10 -9.87 11.47
C ALA B 149 -40.49 -8.41 11.39
N ALA B 150 -39.86 -7.66 10.50
CA ALA B 150 -40.10 -6.24 10.34
C ALA B 150 -41.01 -5.98 9.15
N SER B 151 -41.78 -4.89 9.23
CA SER B 151 -42.62 -4.45 8.14
C SER B 151 -42.94 -2.98 8.33
N GLY B 152 -43.32 -2.33 7.24
CA GLY B 152 -43.68 -0.93 7.27
C GLY B 152 -42.59 0.04 6.92
N PHE B 153 -41.36 -0.43 6.71
CA PHE B 153 -40.25 0.45 6.35
C PHE B 153 -39.27 -0.31 5.49
N THR B 154 -38.33 0.42 4.90
CA THR B 154 -37.30 -0.17 4.05
C THR B 154 -36.28 -0.84 4.95
N PHE B 155 -36.45 -2.16 5.15
CA PHE B 155 -35.68 -2.90 6.16
C PHE B 155 -34.18 -2.71 5.98
N SER B 156 -33.69 -2.80 4.74
CA SER B 156 -32.26 -2.76 4.48
C SER B 156 -31.63 -1.40 4.74
N SER B 157 -32.45 -0.35 4.83
CA SER B 157 -31.94 0.99 5.09
C SER B 157 -31.72 1.27 6.58
N TYR B 158 -31.88 0.28 7.44
CA TYR B 158 -31.82 0.50 8.87
C TYR B 158 -31.02 -0.59 9.55
N ALA B 159 -30.05 -0.19 10.37
CA ALA B 159 -29.42 -1.13 11.28
C ALA B 159 -30.42 -1.56 12.35
N MET B 160 -30.20 -2.74 12.90
CA MET B 160 -31.08 -3.30 13.92
C MET B 160 -30.27 -3.66 15.15
N SER B 161 -30.97 -3.89 16.26
CA SER B 161 -30.28 -4.21 17.51
C SER B 161 -31.12 -5.19 18.32
N TRP B 162 -30.44 -5.93 19.18
CA TRP B 162 -31.07 -6.76 20.20
C TRP B 162 -30.72 -6.19 21.57
N VAL B 163 -31.74 -5.93 22.37
CA VAL B 163 -31.60 -5.45 23.74
C VAL B 163 -32.38 -6.40 24.65
N ARG B 164 -31.77 -6.82 25.75
CA ARG B 164 -32.43 -7.73 26.67
C ARG B 164 -32.58 -7.08 28.04
N GLN B 165 -33.48 -7.65 28.84
CA GLN B 165 -33.78 -7.12 30.16
C GLN B 165 -34.11 -8.29 31.09
N ALA B 166 -33.19 -8.60 31.99
CA ALA B 166 -33.44 -9.64 32.98
C ALA B 166 -34.58 -9.19 33.91
N PRO B 167 -35.33 -10.16 34.48
CA PRO B 167 -36.47 -9.79 35.34
C PRO B 167 -36.10 -8.82 36.45
N GLY B 168 -36.78 -7.68 36.49
CA GLY B 168 -36.55 -6.67 37.50
C GLY B 168 -35.23 -5.95 37.40
N LYS B 169 -34.51 -6.09 36.30
CA LYS B 169 -33.19 -5.49 36.13
C LYS B 169 -33.22 -4.52 34.94
N GLY B 170 -32.06 -3.94 34.65
CA GLY B 170 -31.96 -2.88 33.67
C GLY B 170 -31.83 -3.39 32.25
N LEU B 171 -31.82 -2.43 31.32
CA LEU B 171 -31.61 -2.74 29.91
C LEU B 171 -30.15 -3.06 29.66
N GLU B 172 -29.91 -4.12 28.88
CA GLU B 172 -28.56 -4.54 28.53
C GLU B 172 -28.48 -4.73 27.02
N TRP B 173 -27.60 -3.95 26.38
CA TRP B 173 -27.41 -4.10 24.94
C TRP B 173 -26.75 -5.44 24.65
N VAL B 174 -27.26 -6.11 23.61
CA VAL B 174 -26.80 -7.44 23.24
C VAL B 174 -26.00 -7.41 21.94
N SER B 175 -26.59 -6.86 20.88
CA SER B 175 -25.98 -6.98 19.56
C SER B 175 -26.61 -5.96 18.62
N ALA B 176 -25.86 -5.61 17.58
CA ALA B 176 -26.34 -4.75 16.51
C ALA B 176 -25.77 -5.24 15.19
N ILE B 177 -26.47 -4.91 14.10
CA ILE B 177 -26.10 -5.34 12.77
C ILE B 177 -26.45 -4.23 11.77
N SER B 178 -25.56 -3.98 10.82
CA SER B 178 -25.79 -2.92 9.85
C SER B 178 -26.94 -3.29 8.92
N GLY B 179 -27.40 -2.28 8.16
CA GLY B 179 -28.53 -2.50 7.27
C GLY B 179 -28.29 -3.60 6.26
N SER B 180 -27.09 -3.63 5.66
CA SER B 180 -26.73 -4.66 4.70
C SER B 180 -26.41 -5.99 5.37
N GLY B 181 -26.05 -5.97 6.65
CA GLY B 181 -25.59 -7.17 7.34
C GLY B 181 -24.09 -7.36 7.33
N GLY B 182 -23.33 -6.46 6.70
CA GLY B 182 -21.90 -6.64 6.57
C GLY B 182 -21.13 -6.40 7.85
N SER B 183 -21.74 -5.74 8.84
CA SER B 183 -21.08 -5.43 10.10
C SER B 183 -21.97 -5.91 11.25
N THR B 184 -21.36 -6.59 12.22
CA THR B 184 -22.07 -7.08 13.38
C THR B 184 -21.26 -6.77 14.64
N TYR B 185 -21.98 -6.51 15.73
CA TYR B 185 -21.37 -6.11 17.00
C TYR B 185 -22.00 -6.91 18.13
N TYR B 186 -21.20 -7.19 19.16
CA TYR B 186 -21.63 -8.04 20.25
C TYR B 186 -21.17 -7.48 21.58
N ALA B 187 -22.02 -7.65 22.59
CA ALA B 187 -21.61 -7.37 23.96
C ALA B 187 -20.58 -8.39 24.40
N ASP B 188 -19.74 -7.98 25.36
CA ASP B 188 -18.68 -8.86 25.85
C ASP B 188 -19.23 -10.21 26.28
N SER B 189 -20.33 -10.20 27.03
CA SER B 189 -20.82 -11.41 27.69
C SER B 189 -21.43 -12.42 26.74
N VAL B 190 -21.60 -12.08 25.46
CA VAL B 190 -22.24 -12.98 24.51
C VAL B 190 -21.35 -13.30 23.32
N LYS B 191 -20.11 -12.80 23.28
CA LYS B 191 -19.21 -13.12 22.20
C LYS B 191 -18.87 -14.61 22.21
N GLY B 192 -18.86 -15.21 21.02
CA GLY B 192 -18.59 -16.63 20.89
C GLY B 192 -19.75 -17.53 21.24
N ARG B 193 -20.89 -16.97 21.68
CA ARG B 193 -22.07 -17.75 22.00
C ARG B 193 -23.29 -17.32 21.20
N PHE B 194 -23.44 -16.03 20.90
CA PHE B 194 -24.58 -15.53 20.15
C PHE B 194 -24.11 -15.06 18.77
N THR B 195 -25.03 -15.06 17.82
CA THR B 195 -24.76 -14.52 16.49
C THR B 195 -25.99 -13.75 16.03
N ILE B 196 -25.81 -12.47 15.77
CA ILE B 196 -26.86 -11.69 15.11
C ILE B 196 -26.76 -11.93 13.62
N SER B 197 -27.90 -11.95 12.96
CA SER B 197 -27.92 -12.08 11.51
C SER B 197 -29.17 -11.40 10.98
N ARG B 198 -29.33 -11.47 9.65
CA ARG B 198 -30.30 -10.64 8.98
C ARG B 198 -30.56 -11.17 7.57
N ASP B 199 -31.83 -11.26 7.18
CA ASP B 199 -32.22 -11.71 5.84
C ASP B 199 -33.10 -10.62 5.26
N ASN B 200 -32.50 -9.75 4.44
CA ASN B 200 -33.24 -8.59 3.93
C ASN B 200 -34.33 -8.99 2.94
N SER B 201 -34.23 -10.17 2.32
CA SER B 201 -35.30 -10.63 1.45
C SER B 201 -36.53 -11.04 2.25
N LYS B 202 -36.33 -11.59 3.44
CA LYS B 202 -37.42 -11.97 4.33
C LYS B 202 -37.73 -10.93 5.40
N ASN B 203 -37.02 -9.79 5.39
CA ASN B 203 -37.24 -8.69 6.33
C ASN B 203 -37.23 -9.19 7.77
N THR B 204 -36.31 -10.09 8.09
CA THR B 204 -36.28 -10.73 9.39
C THR B 204 -34.92 -10.54 10.04
N LEU B 205 -34.93 -10.22 11.33
CA LEU B 205 -33.74 -10.18 12.15
C LEU B 205 -33.67 -11.47 12.96
N TYR B 206 -32.46 -11.95 13.20
CA TYR B 206 -32.26 -13.20 13.94
C TYR B 206 -31.24 -13.00 15.04
N LEU B 207 -31.46 -13.71 16.15
CA LEU B 207 -30.46 -13.84 17.21
C LEU B 207 -30.31 -15.33 17.49
N GLN B 208 -29.23 -15.91 16.99
CA GLN B 208 -28.89 -17.30 17.28
C GLN B 208 -28.13 -17.34 18.60
N MET B 209 -28.69 -18.05 19.59
CA MET B 209 -28.11 -18.12 20.92
C MET B 209 -27.66 -19.55 21.19
N ASN B 210 -26.38 -19.73 21.49
CA ASN B 210 -25.82 -21.02 21.83
C ASN B 210 -25.20 -20.96 23.22
N SER B 211 -25.00 -22.14 23.80
CA SER B 211 -24.40 -22.28 25.12
C SER B 211 -25.09 -21.36 26.13
N LEU B 212 -26.42 -21.44 26.17
CA LEU B 212 -27.19 -20.57 27.03
C LEU B 212 -26.90 -20.87 28.49
N ARG B 213 -26.93 -19.83 29.32
CA ARG B 213 -26.79 -19.95 30.76
C ARG B 213 -27.88 -19.12 31.43
N ALA B 214 -28.08 -19.38 32.72
CA ALA B 214 -29.17 -18.73 33.45
C ALA B 214 -29.04 -17.21 33.42
N GLU B 215 -27.81 -16.70 33.31
CA GLU B 215 -27.60 -15.27 33.17
C GLU B 215 -28.28 -14.71 31.93
N ASP B 216 -28.56 -15.53 30.93
CA ASP B 216 -29.22 -15.09 29.71
C ASP B 216 -30.73 -15.01 29.83
N THR B 217 -31.30 -15.41 30.97
CA THR B 217 -32.74 -15.34 31.16
C THR B 217 -33.19 -13.89 31.20
N ALA B 218 -33.99 -13.49 30.22
CA ALA B 218 -34.38 -12.09 30.09
C ALA B 218 -35.47 -11.98 29.03
N VAL B 219 -36.11 -10.81 29.00
CA VAL B 219 -36.95 -10.43 27.87
C VAL B 219 -36.05 -9.84 26.79
N TYR B 220 -36.16 -10.35 25.57
CA TYR B 220 -35.31 -9.93 24.47
C TYR B 220 -36.11 -9.05 23.54
N TYR B 221 -35.64 -7.82 23.35
CA TYR B 221 -36.24 -6.85 22.45
C TYR B 221 -35.40 -6.73 21.18
N CYS B 222 -36.05 -6.60 20.04
CA CYS B 222 -35.41 -6.06 18.86
C CYS B 222 -35.84 -4.61 18.68
N ALA B 223 -34.95 -3.81 18.10
CA ALA B 223 -35.20 -2.39 17.97
C ALA B 223 -34.55 -1.88 16.70
N LYS B 224 -35.18 -0.88 16.09
CA LYS B 224 -34.73 -0.30 14.83
C LYS B 224 -33.98 0.99 15.11
N TYR B 225 -32.79 1.11 14.51
CA TYR B 225 -32.06 2.36 14.62
C TYR B 225 -32.67 3.41 13.70
N ASP B 226 -32.30 4.66 13.95
CA ASP B 226 -32.73 5.78 13.11
C ASP B 226 -31.67 6.86 13.19
N GLY B 227 -31.51 7.61 12.10
CA GLY B 227 -30.58 8.73 12.09
C GLY B 227 -29.13 8.29 12.02
N ILE B 228 -28.27 9.09 12.67
CA ILE B 228 -26.83 8.87 12.66
C ILE B 228 -26.22 8.87 14.04
N TYR B 229 -26.99 9.13 15.09
CA TYR B 229 -26.46 9.19 16.45
C TYR B 229 -26.79 7.93 17.25
N GLY B 230 -27.25 6.87 16.58
CA GLY B 230 -27.48 5.61 17.25
C GLY B 230 -28.77 5.50 18.02
N GLU B 231 -29.81 6.21 17.61
CA GLU B 231 -31.09 6.17 18.31
C GLU B 231 -31.90 4.96 17.90
N LEU B 232 -32.52 4.30 18.88
CA LEU B 232 -33.44 3.19 18.65
C LEU B 232 -34.85 3.77 18.78
N ASP B 233 -35.47 4.10 17.64
CA ASP B 233 -36.72 4.84 17.69
C ASP B 233 -37.96 3.95 17.66
N PHE B 234 -37.82 2.65 17.43
CA PHE B 234 -38.97 1.76 17.49
C PHE B 234 -38.53 0.39 18.02
N TRP B 235 -39.38 -0.20 18.85
CA TRP B 235 -39.05 -1.43 19.56
C TRP B 235 -40.16 -2.45 19.40
N GLY B 236 -39.77 -3.72 19.32
CA GLY B 236 -40.71 -4.79 19.54
C GLY B 236 -41.12 -4.87 21.00
N CYS B 237 -42.20 -5.60 21.27
CA CYS B 237 -42.67 -5.68 22.64
C CYS B 237 -41.90 -6.68 23.48
N GLY B 238 -41.01 -7.46 22.87
CA GLY B 238 -40.17 -8.36 23.61
C GLY B 238 -40.67 -9.79 23.59
N THR B 239 -39.75 -10.74 23.73
CA THR B 239 -40.08 -12.14 23.90
C THR B 239 -39.24 -12.71 25.03
N LEU B 240 -39.85 -13.57 25.84
CA LEU B 240 -39.21 -14.05 27.06
C LEU B 240 -38.38 -15.30 26.79
N VAL B 241 -37.13 -15.27 27.23
CA VAL B 241 -36.21 -16.40 27.16
C VAL B 241 -35.87 -16.81 28.58
N THR B 242 -36.16 -18.06 28.93
CA THR B 242 -35.94 -18.56 30.28
C THR B 242 -34.96 -19.73 30.21
N VAL B 243 -33.88 -19.63 30.98
CA VAL B 243 -32.85 -20.67 31.04
C VAL B 243 -32.82 -21.19 32.47
N SER B 244 -33.35 -22.39 32.68
CA SER B 244 -33.26 -23.05 33.97
C SER B 244 -33.30 -24.56 33.74
N SER B 245 -32.85 -25.29 34.75
CA SER B 245 -32.76 -26.74 34.66
C SER B 245 -33.78 -27.42 35.58
N ASP C 1 29.61 1.68 -24.88
CA ASP C 1 29.23 2.55 -23.77
C ASP C 1 29.24 1.78 -22.45
N ILE C 2 29.10 2.49 -21.35
CA ILE C 2 29.22 1.90 -20.02
C ILE C 2 27.85 1.39 -19.58
N GLN C 3 27.80 0.11 -19.22
CA GLN C 3 26.61 -0.49 -18.64
C GLN C 3 26.74 -0.44 -17.12
N MET C 4 25.76 0.19 -16.47
CA MET C 4 25.72 0.25 -15.01
C MET C 4 24.76 -0.82 -14.51
N THR C 5 25.25 -1.69 -13.63
CA THR C 5 24.45 -2.77 -13.06
C THR C 5 24.51 -2.66 -11.54
N GLN C 6 23.33 -2.53 -10.94
CA GLN C 6 23.22 -2.43 -9.48
C GLN C 6 22.80 -3.77 -8.89
N SER C 7 23.18 -3.99 -7.63
CA SER C 7 22.75 -5.16 -6.89
C SER C 7 22.57 -4.76 -5.43
N PRO C 8 21.48 -5.19 -4.78
CA PRO C 8 20.44 -6.01 -5.41
C PRO C 8 19.49 -5.17 -6.25
N SER C 9 18.55 -5.81 -6.94
CA SER C 9 17.55 -5.07 -7.69
C SER C 9 16.41 -4.59 -6.79
N SER C 10 16.10 -5.35 -5.75
CA SER C 10 15.15 -4.93 -4.72
C SER C 10 15.59 -5.53 -3.40
N LEU C 11 15.12 -4.93 -2.30
CA LEU C 11 15.62 -5.30 -0.99
C LEU C 11 14.59 -4.94 0.08
N SER C 12 14.30 -5.90 0.95
CA SER C 12 13.41 -5.68 2.09
C SER C 12 14.25 -5.47 3.34
N ALA C 13 13.91 -4.43 4.11
CA ALA C 13 14.66 -4.11 5.31
C ALA C 13 13.71 -3.52 6.36
N SER C 14 14.23 -3.38 7.57
CA SER C 14 13.51 -2.78 8.68
C SER C 14 14.13 -1.45 9.04
N VAL C 15 13.33 -0.60 9.70
CA VAL C 15 13.85 0.65 10.22
C VAL C 15 15.00 0.36 11.16
N GLY C 16 16.09 1.13 11.03
CA GLY C 16 17.28 0.91 11.80
C GLY C 16 18.32 0.03 11.13
N ASP C 17 17.94 -0.73 10.10
CA ASP C 17 18.89 -1.60 9.43
C ASP C 17 19.96 -0.79 8.71
N ARG C 18 21.15 -1.38 8.62
CA ARG C 18 22.19 -0.88 7.75
C ARG C 18 22.01 -1.49 6.37
N VAL C 19 21.88 -0.65 5.35
CA VAL C 19 21.57 -1.08 3.99
C VAL C 19 22.75 -0.74 3.09
N THR C 20 23.08 -1.66 2.19
CA THR C 20 24.20 -1.50 1.27
C THR C 20 23.75 -1.79 -0.15
N ILE C 21 23.97 -0.84 -1.06
CA ILE C 21 23.65 -0.98 -2.47
C ILE C 21 24.96 -0.86 -3.26
N THR C 22 25.14 -1.76 -4.22
CA THR C 22 26.36 -1.83 -5.01
C THR C 22 26.06 -1.43 -6.45
N CYS C 23 27.01 -0.75 -7.09
CA CYS C 23 26.86 -0.27 -8.46
C CYS C 23 28.19 -0.48 -9.19
N ARG C 24 28.17 -1.25 -10.27
CA ARG C 24 29.38 -1.60 -10.99
C ARG C 24 29.29 -1.18 -12.45
N ALA C 25 30.42 -0.73 -13.00
CA ALA C 25 30.50 -0.20 -14.35
C ALA C 25 31.29 -1.14 -15.25
N SER C 26 30.87 -1.24 -16.51
CA SER C 26 31.52 -2.11 -17.48
C SER C 26 32.91 -1.66 -17.87
N GLN C 27 33.30 -0.43 -17.51
CA GLN C 27 34.67 0.04 -17.68
C GLN C 27 34.94 1.06 -16.59
N SER C 28 36.22 1.37 -16.38
CA SER C 28 36.59 2.31 -15.34
C SER C 28 36.02 3.69 -15.66
N ILE C 29 35.32 4.27 -14.70
CA ILE C 29 34.72 5.59 -14.85
C ILE C 29 35.28 6.59 -13.85
N SER C 30 36.43 6.28 -13.24
CA SER C 30 37.04 7.17 -12.27
C SER C 30 36.09 7.46 -11.11
N SER C 31 35.85 8.74 -10.86
CA SER C 31 34.90 9.15 -9.84
C SER C 31 33.64 9.79 -10.42
N TYR C 32 33.39 9.60 -11.72
CA TYR C 32 32.21 10.20 -12.36
C TYR C 32 31.00 9.28 -12.15
N LEU C 33 30.54 9.26 -10.90
CA LEU C 33 29.45 8.38 -10.48
C LEU C 33 28.63 9.11 -9.42
N ASN C 34 27.34 9.27 -9.69
CA ASN C 34 26.43 9.97 -8.79
C ASN C 34 25.30 9.03 -8.37
N TRP C 35 24.74 9.28 -7.19
CA TRP C 35 23.66 8.49 -6.63
C TRP C 35 22.40 9.34 -6.49
N TYR C 36 21.25 8.74 -6.78
CA TYR C 36 19.98 9.44 -6.72
C TYR C 36 18.94 8.61 -5.97
N GLN C 37 18.05 9.32 -5.28
CA GLN C 37 16.92 8.72 -4.58
C GLN C 37 15.65 9.14 -5.29
N GLN C 38 14.76 8.19 -5.55
CA GLN C 38 13.46 8.50 -6.12
C GLN C 38 12.37 7.75 -5.39
N LYS C 39 11.31 8.45 -5.05
CA LYS C 39 10.11 7.87 -4.51
C LYS C 39 9.01 7.87 -5.56
N PRO C 40 8.07 6.92 -5.49
CA PRO C 40 7.05 6.81 -6.55
C PRO C 40 6.31 8.11 -6.77
N GLY C 41 6.27 8.56 -8.02
CA GLY C 41 5.60 9.78 -8.39
C GLY C 41 6.38 11.06 -8.15
N CYS C 42 7.58 10.97 -7.57
CA CYS C 42 8.40 12.13 -7.28
C CYS C 42 9.51 12.28 -8.31
N ALA C 43 10.06 13.49 -8.38
CA ALA C 43 11.28 13.70 -9.12
C ALA C 43 12.45 13.08 -8.35
N PRO C 44 13.50 12.64 -9.05
CA PRO C 44 14.68 12.13 -8.36
C PRO C 44 15.35 13.23 -7.54
N LYS C 45 16.18 12.80 -6.59
CA LYS C 45 16.90 13.70 -5.70
C LYS C 45 18.34 13.25 -5.61
N LEU C 46 19.27 14.20 -5.71
CA LEU C 46 20.70 13.89 -5.65
C LEU C 46 21.11 13.62 -4.21
N LEU C 47 21.81 12.50 -4.00
CA LEU C 47 22.31 12.12 -2.69
C LEU C 47 23.83 12.27 -2.59
N ILE C 48 24.55 11.63 -3.50
CA ILE C 48 26.01 11.65 -3.53
C ILE C 48 26.46 12.07 -4.93
N TYR C 49 27.46 12.95 -4.99
CA TYR C 49 28.11 13.29 -6.25
C TYR C 49 29.60 12.99 -6.15
N ALA C 50 30.21 12.72 -7.31
CA ALA C 50 31.63 12.40 -7.40
C ALA C 50 31.98 11.20 -6.50
N ALA C 51 31.13 10.19 -6.51
CA ALA C 51 31.33 8.89 -5.85
C ALA C 51 31.24 8.95 -4.33
N SER C 52 31.56 10.08 -3.71
CA SER C 52 31.65 10.11 -2.26
C SER C 52 31.25 11.43 -1.61
N SER C 53 30.94 12.48 -2.36
CA SER C 53 30.58 13.76 -1.77
C SER C 53 29.09 13.77 -1.46
N LEU C 54 28.76 14.04 -0.19
CA LEU C 54 27.37 14.13 0.25
C LEU C 54 26.78 15.46 -0.19
N GLN C 55 25.64 15.41 -0.88
CA GLN C 55 24.97 16.63 -1.28
C GLN C 55 24.43 17.37 -0.06
N SER C 56 24.45 18.70 -0.14
CA SER C 56 23.98 19.53 0.96
C SER C 56 22.52 19.18 1.28
N GLY C 57 22.25 18.98 2.58
CA GLY C 57 20.91 18.66 3.02
C GLY C 57 20.57 17.19 3.04
N VAL C 58 21.46 16.31 2.61
CA VAL C 58 21.23 14.87 2.69
C VAL C 58 21.76 14.40 4.04
N PRO C 59 20.99 13.61 4.79
CA PRO C 59 21.43 13.20 6.14
C PRO C 59 22.76 12.45 6.09
N SER C 60 23.53 12.60 7.16
CA SER C 60 24.85 11.98 7.25
C SER C 60 24.80 10.46 7.29
N ARG C 61 23.62 9.86 7.46
CA ARG C 61 23.55 8.40 7.40
C ARG C 61 23.75 7.88 5.98
N PHE C 62 23.68 8.74 4.97
CA PHE C 62 24.01 8.36 3.61
C PHE C 62 25.50 8.56 3.38
N SER C 63 26.11 7.62 2.66
CA SER C 63 27.52 7.73 2.33
C SER C 63 27.79 6.90 1.07
N GLY C 64 28.60 7.44 0.18
CA GLY C 64 29.03 6.73 -1.00
C GLY C 64 30.53 6.57 -1.00
N SER C 65 31.00 5.51 -1.64
CA SER C 65 32.43 5.28 -1.76
C SER C 65 32.69 4.43 -2.99
N GLY C 66 33.95 4.41 -3.40
CA GLY C 66 34.36 3.63 -4.56
C GLY C 66 34.98 4.48 -5.65
N SER C 67 35.67 3.82 -6.58
CA SER C 67 36.28 4.46 -7.73
C SER C 67 36.58 3.38 -8.76
N GLY C 68 36.74 3.81 -10.00
CA GLY C 68 36.98 2.85 -11.06
C GLY C 68 35.73 2.17 -11.55
N THR C 69 35.47 0.95 -11.08
CA THR C 69 34.32 0.18 -11.52
C THR C 69 33.36 -0.25 -10.42
N ASP C 70 33.75 -0.16 -9.15
CA ASP C 70 32.91 -0.63 -8.05
C ASP C 70 32.59 0.53 -7.11
N PHE C 71 31.30 0.77 -6.91
CA PHE C 71 30.82 1.83 -6.02
C PHE C 71 29.71 1.29 -5.14
N THR C 72 29.63 1.80 -3.91
CA THR C 72 28.60 1.38 -2.98
C THR C 72 27.96 2.60 -2.31
N LEU C 73 26.66 2.54 -2.12
CA LEU C 73 25.91 3.51 -1.32
C LEU C 73 25.40 2.81 -0.07
N THR C 74 25.66 3.41 1.10
CA THR C 74 25.36 2.79 2.37
C THR C 74 24.51 3.71 3.22
N ILE C 75 23.41 3.18 3.76
CA ILE C 75 22.56 3.87 4.72
C ILE C 75 22.80 3.22 6.08
N SER C 76 23.43 3.97 7.00
CA SER C 76 23.87 3.37 8.25
C SER C 76 22.71 3.00 9.16
N SER C 77 21.58 3.69 9.04
CA SER C 77 20.42 3.41 9.89
C SER C 77 19.17 3.79 9.09
N LEU C 78 18.55 2.81 8.46
CA LEU C 78 17.41 3.06 7.58
C LEU C 78 16.25 3.67 8.37
N GLN C 79 15.76 4.81 7.90
CA GLN C 79 14.67 5.53 8.53
C GLN C 79 13.39 5.39 7.71
N PRO C 80 12.22 5.59 8.33
CA PRO C 80 10.95 5.45 7.58
C PRO C 80 10.89 6.25 6.29
N GLU C 81 11.55 7.41 6.24
CA GLU C 81 11.55 8.25 5.05
C GLU C 81 12.51 7.76 3.97
N ASP C 82 13.30 6.72 4.24
CA ASP C 82 14.32 6.28 3.30
C ASP C 82 13.84 5.19 2.36
N PHE C 83 12.61 4.69 2.55
CA PHE C 83 12.08 3.68 1.65
C PHE C 83 11.77 4.31 0.29
N ALA C 84 12.44 3.82 -0.74
CA ALA C 84 12.46 4.44 -2.06
C ALA C 84 13.30 3.60 -3.00
N THR C 85 13.43 4.03 -4.26
CA THR C 85 14.34 3.40 -5.20
C THR C 85 15.58 4.27 -5.36
N TYR C 86 16.74 3.62 -5.43
CA TYR C 86 18.02 4.30 -5.48
C TYR C 86 18.74 3.93 -6.76
N TYR C 87 19.23 4.95 -7.46
CA TYR C 87 19.91 4.79 -8.74
C TYR C 87 21.33 5.31 -8.65
N CYS C 88 22.22 4.69 -9.42
CA CYS C 88 23.52 5.29 -9.72
C CYS C 88 23.52 5.73 -11.17
N GLN C 89 24.45 6.63 -11.49
CA GLN C 89 24.56 7.18 -12.83
C GLN C 89 26.00 7.53 -13.10
N GLN C 90 26.55 7.01 -14.20
CA GLN C 90 27.91 7.35 -14.61
C GLN C 90 27.86 8.60 -15.48
N SER C 91 28.82 9.50 -15.25
CA SER C 91 28.94 10.73 -16.03
C SER C 91 30.29 10.80 -16.73
N TYR C 92 30.89 9.63 -16.98
CA TYR C 92 32.22 9.54 -17.57
C TYR C 92 32.21 9.63 -19.09
N SER C 93 31.22 9.01 -19.74
CA SER C 93 31.16 9.00 -21.20
C SER C 93 29.71 9.03 -21.66
N THR C 94 29.47 9.79 -22.72
CA THR C 94 28.17 9.78 -23.37
C THR C 94 27.98 8.45 -24.11
N PRO C 95 26.77 7.84 -24.04
CA PRO C 95 25.60 8.33 -23.31
C PRO C 95 25.72 8.15 -21.80
N LEU C 96 25.28 9.16 -21.05
CA LEU C 96 25.30 9.08 -19.59
C LEU C 96 24.21 8.11 -19.16
N THR C 97 24.59 6.98 -18.56
CA THR C 97 23.70 5.87 -18.35
C THR C 97 23.40 5.67 -16.86
N PHE C 98 22.17 5.26 -16.57
CA PHE C 98 21.73 4.95 -15.22
C PHE C 98 21.83 3.44 -14.96
N GLY C 99 22.02 3.10 -13.70
CA GLY C 99 21.76 1.74 -13.25
C GLY C 99 20.27 1.43 -13.31
N GLN C 100 19.95 0.15 -13.20
CA GLN C 100 18.55 -0.25 -13.28
C GLN C 100 17.75 0.13 -12.04
N GLY C 101 18.41 0.49 -10.95
CA GLY C 101 17.73 0.92 -9.75
C GLY C 101 17.58 -0.19 -8.73
N THR C 102 17.55 0.19 -7.46
CA THR C 102 17.38 -0.73 -6.34
C THR C 102 16.23 -0.24 -5.49
N LYS C 103 15.16 -1.02 -5.42
CA LYS C 103 14.02 -0.68 -4.58
C LYS C 103 14.26 -1.18 -3.16
N VAL C 104 14.31 -0.25 -2.21
CA VAL C 104 14.34 -0.59 -0.79
C VAL C 104 12.91 -0.49 -0.28
N GLU C 105 12.31 -1.63 0.03
CA GLU C 105 10.91 -1.67 0.41
C GLU C 105 10.72 -2.27 1.80
N ILE C 106 9.51 -2.11 2.30
CA ILE C 106 9.13 -2.48 3.66
C ILE C 106 8.84 -3.97 3.70
N LYS C 107 9.33 -4.64 4.75
CA LYS C 107 9.18 -6.09 4.86
C LYS C 107 7.71 -6.49 4.92
N ARG C 108 7.44 -7.72 4.49
CA ARG C 108 6.12 -8.31 4.71
C ARG C 108 5.86 -8.41 6.21
N GLY C 109 4.71 -7.91 6.65
CA GLY C 109 4.49 -7.80 8.07
C GLY C 109 5.43 -6.86 8.79
N GLY C 110 6.18 -6.04 8.06
CA GLY C 110 7.00 -5.02 8.67
C GLY C 110 6.24 -3.72 8.87
N GLY C 111 6.74 -2.92 9.80
CA GLY C 111 6.01 -1.71 10.15
C GLY C 111 6.85 -0.45 10.13
N SER C 112 6.40 0.54 9.36
CA SER C 112 7.03 1.85 9.31
C SER C 112 6.08 2.80 8.60
N GLY C 113 6.25 4.09 8.90
CA GLY C 113 5.47 5.11 8.23
C GLY C 113 6.19 6.44 8.16
N GLY C 114 6.39 6.96 6.95
CA GLY C 114 6.89 8.30 6.78
C GLY C 114 5.76 9.32 6.63
N SER C 115 6.12 10.60 6.68
CA SER C 115 5.14 11.65 6.53
C SER C 115 4.80 11.93 5.07
N GLY C 116 5.35 11.16 4.13
CA GLY C 116 5.11 11.42 2.73
C GLY C 116 5.97 12.56 2.21
N GLY C 117 5.55 13.09 1.07
CA GLY C 117 6.24 14.22 0.49
C GLY C 117 7.26 13.84 -0.55
N CYS C 118 7.30 14.59 -1.60
CA CYS C 118 8.28 14.54 -2.67
C CYS C 118 9.31 15.64 -2.47
N PRO C 119 10.53 15.46 -2.98
CA PRO C 119 11.51 16.54 -2.93
C PRO C 119 11.02 17.76 -3.69
N PRO C 120 11.50 18.96 -3.35
CA PRO C 120 11.05 20.15 -4.07
C PRO C 120 11.47 20.10 -5.53
N CYS C 121 10.53 20.44 -6.41
CA CYS C 121 10.79 20.42 -7.84
C CYS C 121 9.96 21.51 -8.51
N GLY C 122 10.30 21.79 -9.76
CA GLY C 122 9.51 22.72 -10.56
C GLY C 122 9.41 24.07 -9.88
N GLY C 123 8.18 24.53 -9.70
CA GLY C 123 7.91 25.73 -8.92
C GLY C 123 7.63 25.48 -7.46
N SER C 124 7.38 24.22 -7.08
CA SER C 124 7.16 23.85 -5.68
C SER C 124 8.52 23.65 -5.01
N GLY C 125 9.25 24.76 -4.87
CA GLY C 125 10.56 24.74 -4.27
C GLY C 125 11.52 25.73 -4.89
N GLU C 127 13.41 28.36 -4.32
CA GLU C 127 14.74 28.92 -4.55
C GLU C 127 15.07 28.91 -6.05
N VAL C 128 15.38 27.72 -6.57
CA VAL C 128 15.55 27.49 -8.00
C VAL C 128 14.27 26.85 -8.54
N GLN C 129 13.89 27.23 -9.75
CA GLN C 129 12.65 26.73 -10.33
C GLN C 129 12.87 26.24 -11.76
N LEU C 130 12.17 25.14 -12.12
CA LEU C 130 12.20 24.55 -13.46
C LEU C 130 10.78 24.08 -13.77
N LEU C 131 9.99 24.95 -14.41
CA LEU C 131 8.61 24.62 -14.72
C LEU C 131 8.51 23.95 -16.08
N GLU C 132 7.92 22.76 -16.10
CA GLU C 132 7.76 21.99 -17.33
C GLU C 132 6.39 22.25 -17.96
N SER C 133 6.26 21.78 -19.20
CA SER C 133 5.03 21.88 -19.99
C SER C 133 5.25 21.12 -21.28
N GLY C 134 4.20 20.43 -21.75
CA GLY C 134 4.28 19.74 -23.02
C GLY C 134 3.71 18.34 -23.00
N GLY C 135 3.34 17.85 -21.82
CA GLY C 135 2.81 16.50 -21.69
C GLY C 135 1.49 16.33 -22.40
N GLY C 136 0.99 15.10 -22.37
CA GLY C 136 -0.26 14.80 -23.01
C GLY C 136 -0.26 13.47 -23.75
N LEU C 137 -1.36 13.17 -24.45
CA LEU C 137 -1.51 11.94 -25.21
C LEU C 137 -1.21 12.21 -26.68
N VAL C 138 -0.36 11.37 -27.27
CA VAL C 138 -0.01 11.46 -28.67
C VAL C 138 -0.33 10.13 -29.32
N GLN C 139 -1.08 10.18 -30.42
CA GLN C 139 -1.37 8.95 -31.15
C GLN C 139 -0.14 8.49 -31.91
N PRO C 140 -0.01 7.17 -32.17
CA PRO C 140 1.18 6.65 -32.83
C PRO C 140 1.39 7.28 -34.19
N GLY C 141 2.23 8.32 -34.21
CA GLY C 141 2.61 8.95 -35.46
C GLY C 141 3.20 10.34 -35.29
N GLY C 142 2.56 11.16 -34.46
CA GLY C 142 2.92 12.56 -34.38
C GLY C 142 4.22 12.92 -33.70
N SER C 143 4.27 14.16 -33.23
CA SER C 143 5.43 14.74 -32.57
C SER C 143 5.02 15.40 -31.26
N LEU C 144 6.01 15.92 -30.53
CA LEU C 144 5.71 16.59 -29.26
C LEU C 144 6.92 17.42 -28.84
N ARG C 145 6.65 18.62 -28.33
CA ARG C 145 7.69 19.56 -27.93
C ARG C 145 7.51 19.92 -26.47
N LEU C 146 8.43 19.46 -25.62
CA LEU C 146 8.42 19.82 -24.21
C LEU C 146 9.20 21.10 -23.97
N SER C 147 8.83 21.82 -22.92
CA SER C 147 9.51 23.05 -22.55
C SER C 147 9.79 23.04 -21.05
N CYS C 148 10.82 23.81 -20.66
CA CYS C 148 11.28 23.84 -19.27
C CYS C 148 11.77 25.24 -18.99
N ALA C 149 10.99 26.02 -18.24
CA ALA C 149 11.29 27.43 -18.00
C ALA C 149 12.07 27.57 -16.69
N ALA C 150 13.26 28.17 -16.78
CA ALA C 150 14.18 28.25 -15.66
C ALA C 150 14.21 29.65 -15.05
N SER C 151 14.32 29.71 -13.73
CA SER C 151 14.50 30.96 -13.01
C SER C 151 15.20 30.67 -11.69
N GLY C 152 15.78 31.72 -11.12
CA GLY C 152 16.50 31.59 -9.86
C GLY C 152 17.97 31.32 -9.98
N PHE C 153 18.50 31.20 -11.20
CA PHE C 153 19.91 30.97 -11.40
C PHE C 153 20.28 31.42 -12.80
N THR C 154 21.58 31.64 -13.01
CA THR C 154 22.08 32.12 -14.31
C THR C 154 22.04 30.95 -15.29
N PHE C 155 20.96 30.90 -16.08
CA PHE C 155 20.64 29.74 -16.91
C PHE C 155 21.80 29.38 -17.85
N SER C 156 22.48 30.38 -18.40
CA SER C 156 23.53 30.12 -19.39
C SER C 156 24.79 29.53 -18.79
N SER C 157 24.91 29.49 -17.47
CA SER C 157 26.09 28.90 -16.82
C SER C 157 25.93 27.42 -16.53
N TYR C 158 24.87 26.79 -17.01
CA TYR C 158 24.59 25.40 -16.65
C TYR C 158 24.13 24.60 -17.86
N ALA C 159 24.74 23.43 -18.06
CA ALA C 159 24.17 22.46 -18.97
C ALA C 159 22.87 21.92 -18.40
N MET C 160 22.02 21.41 -19.28
CA MET C 160 20.73 20.86 -18.88
C MET C 160 20.59 19.45 -19.45
N SER C 161 19.59 18.72 -18.96
CA SER C 161 19.39 17.35 -19.38
C SER C 161 17.90 17.02 -19.36
N TRP C 162 17.54 16.04 -20.18
CA TRP C 162 16.23 15.41 -20.13
C TRP C 162 16.40 13.95 -19.74
N VAL C 163 15.56 13.48 -18.82
CA VAL C 163 15.56 12.10 -18.36
C VAL C 163 14.11 11.63 -18.29
N ARG C 164 13.87 10.40 -18.74
CA ARG C 164 12.52 9.85 -18.75
C ARG C 164 12.46 8.62 -17.87
N GLN C 165 11.24 8.25 -17.48
CA GLN C 165 11.00 7.06 -16.67
C GLN C 165 9.74 6.38 -17.19
N ALA C 166 9.93 5.30 -17.94
CA ALA C 166 8.79 4.55 -18.46
C ALA C 166 8.00 3.95 -17.30
N PRO C 167 6.67 3.77 -17.47
CA PRO C 167 5.84 3.25 -16.38
C PRO C 167 6.40 2.00 -15.70
N GLY C 168 6.67 2.10 -14.41
CA GLY C 168 7.17 0.98 -13.65
C GLY C 168 8.56 0.51 -14.00
N LYS C 169 9.28 1.24 -14.85
CA LYS C 169 10.66 0.93 -15.20
C LYS C 169 11.57 2.08 -14.76
N GLY C 170 12.87 1.88 -14.93
CA GLY C 170 13.85 2.76 -14.32
C GLY C 170 14.02 4.09 -15.03
N LEU C 171 14.87 4.92 -14.42
CA LEU C 171 15.29 6.16 -15.05
C LEU C 171 16.13 5.87 -16.29
N GLU C 172 16.00 6.73 -17.30
CA GLU C 172 16.78 6.57 -18.52
C GLU C 172 17.10 7.95 -19.08
N TRP C 173 18.40 8.20 -19.29
CA TRP C 173 18.83 9.48 -19.82
C TRP C 173 18.43 9.62 -21.28
N VAL C 174 17.91 10.79 -21.62
CA VAL C 174 17.45 11.08 -22.98
C VAL C 174 18.45 11.94 -23.75
N SER C 175 18.84 13.08 -23.18
CA SER C 175 19.66 14.03 -23.92
C SER C 175 20.26 15.04 -22.96
N ALA C 176 21.30 15.73 -23.43
CA ALA C 176 21.92 16.81 -22.69
C ALA C 176 22.40 17.87 -23.66
N ILE C 177 22.54 19.10 -23.14
CA ILE C 177 22.96 20.25 -23.92
C ILE C 177 23.84 21.13 -23.04
N SER C 178 24.93 21.65 -23.61
CA SER C 178 25.85 22.48 -22.84
C SER C 178 25.19 23.82 -22.52
N GLY C 179 25.85 24.58 -21.64
CA GLY C 179 25.28 25.84 -21.19
C GLY C 179 25.06 26.83 -22.32
N SER C 180 26.00 26.89 -23.26
CA SER C 180 25.84 27.74 -24.43
C SER C 180 24.91 27.12 -25.47
N GLY C 181 24.68 25.82 -25.41
CA GLY C 181 23.99 25.10 -26.46
C GLY C 181 24.90 24.57 -27.55
N GLY C 182 26.20 24.76 -27.43
CA GLY C 182 27.13 24.39 -28.49
C GLY C 182 27.48 22.91 -28.53
N SER C 183 27.00 22.13 -27.57
CA SER C 183 27.22 20.68 -27.57
C SER C 183 25.93 19.99 -27.20
N THR C 184 25.56 18.96 -27.95
CA THR C 184 24.34 18.20 -27.72
C THR C 184 24.66 16.71 -27.74
N TYR C 185 23.96 15.95 -26.89
CA TYR C 185 24.17 14.51 -26.80
C TYR C 185 22.82 13.83 -26.65
N TYR C 186 22.76 12.59 -27.12
CA TYR C 186 21.50 11.84 -27.14
C TYR C 186 21.75 10.38 -26.81
N ALA C 187 20.75 9.76 -26.20
CA ALA C 187 20.79 8.32 -25.98
C ALA C 187 20.63 7.59 -27.31
N ASP C 188 21.12 6.34 -27.34
CA ASP C 188 21.04 5.54 -28.56
C ASP C 188 19.61 5.47 -29.10
N SER C 189 18.68 4.98 -28.28
CA SER C 189 17.31 4.70 -28.69
C SER C 189 16.54 5.94 -29.13
N VAL C 190 17.13 7.13 -29.09
CA VAL C 190 16.40 8.36 -29.43
C VAL C 190 17.13 9.20 -30.47
N LYS C 191 18.30 8.76 -30.94
CA LYS C 191 19.11 9.56 -31.84
C LYS C 191 18.38 9.88 -33.14
N GLY C 192 18.65 11.07 -33.68
CA GLY C 192 18.11 11.47 -34.96
C GLY C 192 16.63 11.77 -34.93
N ARG C 193 15.94 11.26 -33.92
CA ARG C 193 14.51 11.45 -33.75
C ARG C 193 14.16 12.56 -32.79
N PHE C 194 14.94 12.74 -31.73
CA PHE C 194 14.76 13.82 -30.77
C PHE C 194 15.89 14.84 -30.93
N THR C 195 15.58 16.09 -30.61
CA THR C 195 16.56 17.16 -30.68
C THR C 195 16.40 18.04 -29.46
N ILE C 196 17.47 18.19 -28.68
CA ILE C 196 17.45 19.11 -27.55
C ILE C 196 17.85 20.49 -28.04
N SER C 197 17.22 21.52 -27.48
CA SER C 197 17.49 22.89 -27.89
C SER C 197 17.28 23.82 -26.70
N ARG C 198 17.74 25.05 -26.87
CA ARG C 198 17.92 25.94 -25.73
C ARG C 198 17.83 27.39 -26.20
N ASP C 199 17.17 28.23 -25.40
CA ASP C 199 17.04 29.66 -25.68
C ASP C 199 17.44 30.43 -24.42
N ASN C 200 18.70 30.86 -24.36
CA ASN C 200 19.20 31.52 -23.17
C ASN C 200 18.63 32.91 -22.95
N SER C 201 18.00 33.51 -23.96
CA SER C 201 17.33 34.79 -23.76
C SER C 201 16.02 34.61 -23.00
N LYS C 202 15.27 33.57 -23.32
CA LYS C 202 14.02 33.24 -22.63
C LYS C 202 14.24 32.33 -21.43
N ASN C 203 15.49 31.98 -21.12
CA ASN C 203 15.82 31.08 -20.01
C ASN C 203 14.98 29.81 -20.06
N THR C 204 14.96 29.17 -21.21
CA THR C 204 14.06 28.06 -21.46
C THR C 204 14.79 26.93 -22.18
N LEU C 205 14.52 25.71 -21.74
CA LEU C 205 15.02 24.50 -22.39
C LEU C 205 13.89 23.85 -23.17
N TYR C 206 14.23 23.28 -24.32
CA TYR C 206 13.24 22.63 -25.18
C TYR C 206 13.70 21.22 -25.51
N LEU C 207 12.71 20.33 -25.69
CA LEU C 207 12.95 19.00 -26.23
C LEU C 207 11.91 18.75 -27.31
N GLN C 208 12.33 18.74 -28.57
CA GLN C 208 11.46 18.42 -29.69
C GLN C 208 11.50 16.91 -29.92
N MET C 209 10.34 16.28 -29.83
CA MET C 209 10.22 14.83 -30.03
C MET C 209 9.38 14.56 -31.27
N ASN C 210 9.78 13.54 -32.04
CA ASN C 210 9.06 13.11 -33.23
C ASN C 210 8.91 11.59 -33.20
N SER C 211 8.11 11.08 -34.13
CA SER C 211 8.01 9.64 -34.41
C SER C 211 7.94 8.80 -33.13
N LEU C 212 6.95 9.11 -32.30
CA LEU C 212 6.88 8.57 -30.96
C LEU C 212 6.12 7.24 -30.92
N ARG C 213 6.46 6.43 -29.92
CA ARG C 213 5.93 5.08 -29.79
C ARG C 213 6.00 4.65 -28.34
N ALA C 214 5.16 3.68 -27.98
CA ALA C 214 4.99 3.18 -26.61
C ALA C 214 6.26 3.18 -25.78
N GLU C 215 7.39 2.80 -26.39
CA GLU C 215 8.66 2.78 -25.67
C GLU C 215 9.15 4.18 -25.36
N ASP C 216 8.41 5.18 -25.84
CA ASP C 216 8.63 6.58 -25.47
C ASP C 216 7.63 7.08 -24.44
N THR C 217 6.61 6.29 -24.12
CA THR C 217 5.71 6.63 -23.02
C THR C 217 6.48 6.65 -21.72
N ALA C 218 6.51 7.81 -21.07
CA ALA C 218 7.27 7.96 -19.83
C ALA C 218 6.94 9.30 -19.21
N VAL C 219 7.29 9.43 -17.94
CA VAL C 219 7.38 10.74 -17.30
C VAL C 219 8.71 11.36 -17.70
N TYR C 220 8.67 12.58 -18.24
CA TYR C 220 9.86 13.25 -18.72
C TYR C 220 10.25 14.36 -17.77
N TYR C 221 11.52 14.38 -17.38
CA TYR C 221 12.06 15.36 -16.45
C TYR C 221 13.12 16.20 -17.14
N CYS C 222 13.08 17.51 -16.92
CA CYS C 222 14.24 18.33 -17.18
C CYS C 222 15.04 18.48 -15.89
N ALA C 223 16.36 18.59 -16.04
CA ALA C 223 17.24 18.63 -14.88
C ALA C 223 18.43 19.51 -15.17
N LYS C 224 18.92 20.19 -14.14
CA LYS C 224 20.02 21.14 -14.23
C LYS C 224 21.28 20.52 -13.66
N TYR C 225 22.38 20.59 -14.41
CA TYR C 225 23.65 20.09 -13.93
C TYR C 225 24.24 21.05 -12.89
N ASP C 226 25.26 20.57 -12.19
CA ASP C 226 25.95 21.39 -11.20
C ASP C 226 27.37 20.86 -11.05
N GLY C 227 28.31 21.77 -10.78
CA GLY C 227 29.67 21.36 -10.51
C GLY C 227 30.39 20.89 -11.77
N ILE C 228 31.23 19.86 -11.60
CA ILE C 228 32.07 19.36 -12.68
C ILE C 228 31.96 17.86 -12.87
N TYR C 229 31.17 17.16 -12.05
CA TYR C 229 31.10 15.69 -12.13
C TYR C 229 29.81 15.21 -12.76
N GLY C 230 29.08 16.07 -13.44
CA GLY C 230 27.89 15.65 -14.15
C GLY C 230 26.71 15.33 -13.27
N GLU C 231 26.64 15.91 -12.07
CA GLU C 231 25.53 15.65 -11.17
C GLU C 231 24.38 16.62 -11.47
N LEU C 232 23.16 16.11 -11.34
CA LEU C 232 21.94 16.85 -11.64
C LEU C 232 21.26 17.20 -10.31
N ASP C 233 21.48 18.42 -9.83
CA ASP C 233 21.09 18.78 -8.48
C ASP C 233 19.68 19.34 -8.36
N PHE C 234 19.05 19.77 -9.46
CA PHE C 234 17.67 20.22 -9.39
C PHE C 234 16.91 19.68 -10.59
N TRP C 235 15.66 19.26 -10.34
CA TRP C 235 14.83 18.60 -11.33
C TRP C 235 13.47 19.28 -11.43
N GLY C 236 12.89 19.22 -12.64
CA GLY C 236 11.49 19.52 -12.78
C GLY C 236 10.64 18.40 -12.21
N CYS C 237 9.35 18.70 -12.00
CA CYS C 237 8.47 17.73 -11.37
C CYS C 237 8.03 16.61 -12.31
N GLY C 238 8.30 16.73 -13.60
CA GLY C 238 7.96 15.68 -14.54
C GLY C 238 6.66 15.95 -15.27
N THR C 239 6.62 15.59 -16.55
CA THR C 239 5.40 15.71 -17.33
C THR C 239 5.21 14.43 -18.12
N LEU C 240 3.99 13.90 -18.12
CA LEU C 240 3.69 12.60 -18.70
C LEU C 240 3.26 12.77 -20.15
N VAL C 241 3.95 12.07 -21.06
CA VAL C 241 3.55 11.98 -22.45
C VAL C 241 3.23 10.52 -22.74
N THR C 242 2.06 10.27 -23.33
CA THR C 242 1.59 8.91 -23.61
C THR C 242 1.43 8.74 -25.11
N VAL C 243 1.82 7.58 -25.60
CA VAL C 243 1.73 7.22 -27.02
C VAL C 243 1.00 5.88 -27.07
N SER C 244 -0.31 5.94 -27.31
CA SER C 244 -1.13 4.74 -27.48
C SER C 244 -2.10 4.97 -28.63
N SER C 245 -2.57 3.88 -29.22
CA SER C 245 -3.54 3.94 -30.30
C SER C 245 -4.92 4.31 -29.77
N ASP D 1 8.07 -15.78 -16.06
CA ASP D 1 8.96 -16.86 -15.66
C ASP D 1 9.97 -16.38 -14.62
N ILE D 2 10.96 -17.21 -14.35
CA ILE D 2 12.02 -16.88 -13.39
C ILE D 2 13.18 -16.25 -14.14
N GLN D 3 13.62 -15.08 -13.67
CA GLN D 3 14.76 -14.40 -14.26
C GLN D 3 16.03 -14.80 -13.50
N MET D 4 17.06 -15.18 -14.25
CA MET D 4 18.37 -15.51 -13.70
C MET D 4 19.36 -14.43 -14.15
N THR D 5 20.03 -13.80 -13.19
CA THR D 5 20.96 -12.72 -13.47
C THR D 5 22.31 -13.05 -12.86
N GLN D 6 23.34 -13.13 -13.70
CA GLN D 6 24.70 -13.43 -13.29
C GLN D 6 25.50 -12.15 -13.13
N SER D 7 26.54 -12.22 -12.29
CA SER D 7 27.44 -11.10 -12.11
C SER D 7 28.84 -11.64 -11.85
N PRO D 8 29.88 -11.06 -12.46
CA PRO D 8 29.73 -9.99 -13.45
C PRO D 8 29.42 -10.56 -14.83
N SER D 9 29.24 -9.69 -15.83
CA SER D 9 29.08 -10.17 -17.19
C SER D 9 30.42 -10.59 -17.81
N SER D 10 31.50 -9.92 -17.41
CA SER D 10 32.83 -10.29 -17.86
C SER D 10 33.80 -10.13 -16.70
N LEU D 11 34.87 -10.92 -16.74
CA LEU D 11 35.78 -11.04 -15.60
C LEU D 11 37.19 -11.24 -16.11
N SER D 12 38.11 -10.37 -15.69
CA SER D 12 39.52 -10.49 -16.03
C SER D 12 40.28 -11.08 -14.85
N ALA D 13 41.08 -12.11 -15.12
CA ALA D 13 41.79 -12.80 -14.05
C ALA D 13 43.09 -13.36 -14.59
N SER D 14 44.00 -13.66 -13.66
CA SER D 14 45.27 -14.28 -13.97
C SER D 14 45.26 -15.72 -13.50
N VAL D 15 46.10 -16.55 -14.13
CA VAL D 15 46.22 -17.94 -13.74
C VAL D 15 46.60 -18.02 -12.26
N GLY D 16 45.92 -18.87 -11.51
CA GLY D 16 46.13 -19.02 -10.09
C GLY D 16 45.16 -18.23 -9.22
N ASP D 17 44.44 -17.29 -9.80
CA ASP D 17 43.45 -16.53 -9.04
C ASP D 17 42.32 -17.43 -8.57
N ARG D 18 41.71 -17.06 -7.45
CA ARG D 18 40.44 -17.62 -7.04
C ARG D 18 39.32 -16.78 -7.66
N VAL D 19 38.53 -17.40 -8.52
CA VAL D 19 37.48 -16.72 -9.29
C VAL D 19 36.13 -17.17 -8.78
N THR D 20 35.21 -16.22 -8.63
CA THR D 20 33.88 -16.49 -8.11
C THR D 20 32.85 -15.80 -9.01
N ILE D 21 31.81 -16.54 -9.39
CA ILE D 21 30.74 -16.04 -10.24
C ILE D 21 29.43 -16.15 -9.47
N THR D 22 28.60 -15.13 -9.60
CA THR D 22 27.33 -15.05 -8.87
C THR D 22 26.17 -15.25 -9.83
N CYS D 23 25.13 -15.94 -9.35
CA CYS D 23 23.91 -16.20 -10.09
C CYS D 23 22.73 -16.08 -9.15
N ARG D 24 21.74 -15.27 -9.52
CA ARG D 24 20.62 -14.99 -8.63
C ARG D 24 19.30 -15.22 -9.35
N ALA D 25 18.38 -15.90 -8.68
CA ALA D 25 17.06 -16.19 -9.21
C ALA D 25 16.05 -15.22 -8.62
N SER D 26 15.10 -14.78 -9.46
CA SER D 26 14.05 -13.87 -8.99
C SER D 26 13.08 -14.55 -8.04
N GLN D 27 13.13 -15.88 -7.92
CA GLN D 27 12.36 -16.61 -6.92
C GLN D 27 13.25 -17.69 -6.34
N SER D 28 12.82 -18.25 -5.21
CA SER D 28 13.53 -19.39 -4.64
C SER D 28 13.37 -20.61 -5.56
N ILE D 29 14.50 -21.18 -5.96
CA ILE D 29 14.51 -22.36 -6.83
C ILE D 29 15.11 -23.57 -6.12
N SER D 30 15.04 -23.59 -4.79
CA SER D 30 15.67 -24.64 -3.99
C SER D 30 17.13 -24.80 -4.37
N SER D 31 17.50 -26.00 -4.81
CA SER D 31 18.85 -26.27 -5.30
C SER D 31 18.84 -26.71 -6.76
N TYR D 32 17.77 -26.40 -7.50
CA TYR D 32 17.65 -26.78 -8.90
C TYR D 32 18.32 -25.73 -9.77
N LEU D 33 19.64 -25.68 -9.64
CA LEU D 33 20.48 -24.70 -10.31
C LEU D 33 21.69 -25.43 -10.87
N ASN D 34 21.94 -25.29 -12.17
CA ASN D 34 23.02 -25.98 -12.83
C ASN D 34 24.01 -24.96 -13.39
N TRP D 35 25.25 -25.39 -13.57
CA TRP D 35 26.31 -24.56 -14.14
C TRP D 35 26.88 -25.22 -15.37
N TYR D 36 27.14 -24.41 -16.40
CA TYR D 36 27.68 -24.90 -17.67
C TYR D 36 28.88 -24.05 -18.07
N GLN D 37 29.82 -24.69 -18.76
CA GLN D 37 30.97 -24.02 -19.34
C GLN D 37 30.88 -24.12 -20.86
N GLN D 38 31.24 -23.04 -21.54
CA GLN D 38 31.30 -23.07 -23.00
C GLN D 38 32.48 -22.25 -23.47
N LYS D 39 33.33 -22.88 -24.27
CA LYS D 39 34.45 -22.24 -24.92
C LYS D 39 34.06 -21.84 -26.34
N PRO D 40 34.77 -20.86 -26.92
CA PRO D 40 34.40 -20.39 -28.26
C PRO D 40 34.46 -21.51 -29.29
N GLY D 41 33.36 -21.65 -30.04
CA GLY D 41 33.26 -22.69 -31.05
C GLY D 41 33.03 -24.09 -30.51
N CYS D 42 32.82 -24.24 -29.21
CA CYS D 42 32.55 -25.55 -28.62
C CYS D 42 31.10 -25.64 -28.18
N ALA D 43 30.64 -26.86 -28.00
CA ALA D 43 29.35 -27.10 -27.36
C ALA D 43 29.48 -26.87 -25.86
N PRO D 44 28.37 -26.57 -25.18
CA PRO D 44 28.43 -26.40 -23.73
C PRO D 44 28.78 -27.70 -23.02
N LYS D 45 29.25 -27.55 -21.79
CA LYS D 45 29.69 -28.67 -20.96
C LYS D 45 29.10 -28.50 -19.57
N LEU D 46 28.45 -29.56 -19.08
CA LEU D 46 27.88 -29.51 -17.73
C LEU D 46 28.98 -29.55 -16.69
N LEU D 47 28.96 -28.57 -15.78
CA LEU D 47 29.93 -28.49 -14.69
C LEU D 47 29.33 -28.93 -13.36
N ILE D 48 28.25 -28.28 -12.95
CA ILE D 48 27.63 -28.48 -11.64
C ILE D 48 26.15 -28.72 -11.85
N TYR D 49 25.58 -29.65 -11.07
CA TYR D 49 24.14 -29.82 -10.98
C TYR D 49 23.76 -29.85 -9.51
N ALA D 50 22.46 -29.62 -9.26
CA ALA D 50 21.93 -29.54 -7.89
C ALA D 50 22.70 -28.52 -7.06
N ALA D 51 23.06 -27.40 -7.70
CA ALA D 51 23.73 -26.26 -7.08
C ALA D 51 25.16 -26.54 -6.63
N SER D 52 25.47 -27.78 -6.23
CA SER D 52 26.79 -28.05 -5.66
C SER D 52 27.40 -29.40 -6.06
N SER D 53 26.72 -30.22 -6.86
CA SER D 53 27.25 -31.53 -7.23
C SER D 53 28.03 -31.42 -8.53
N LEU D 54 29.29 -31.85 -8.50
CA LEU D 54 30.15 -31.80 -9.68
C LEU D 54 29.79 -32.91 -10.65
N GLN D 55 29.63 -32.55 -11.93
CA GLN D 55 29.49 -33.55 -12.96
C GLN D 55 30.82 -34.28 -13.15
N SER D 56 30.74 -35.57 -13.51
CA SER D 56 31.94 -36.36 -13.71
C SER D 56 32.79 -35.77 -14.83
N GLY D 57 34.10 -35.75 -14.62
CA GLY D 57 35.03 -35.15 -15.54
C GLY D 57 35.42 -33.72 -15.21
N VAL D 58 34.72 -33.08 -14.28
CA VAL D 58 35.00 -31.69 -13.91
C VAL D 58 36.01 -31.68 -12.78
N PRO D 59 37.14 -30.96 -12.93
CA PRO D 59 38.13 -30.89 -11.84
C PRO D 59 37.52 -30.30 -10.58
N SER D 60 37.94 -30.83 -9.43
CA SER D 60 37.36 -30.42 -8.16
C SER D 60 37.75 -29.00 -7.76
N ARG D 61 38.56 -28.30 -8.55
CA ARG D 61 38.76 -26.88 -8.30
C ARG D 61 37.50 -26.07 -8.62
N PHE D 62 36.55 -26.65 -9.34
CA PHE D 62 35.23 -26.06 -9.51
C PHE D 62 34.35 -26.49 -8.36
N SER D 63 33.64 -25.52 -7.77
CA SER D 63 32.70 -25.80 -6.69
C SER D 63 31.49 -24.90 -6.82
N GLY D 64 30.35 -25.40 -6.39
CA GLY D 64 29.13 -24.62 -6.36
C GLY D 64 28.54 -24.60 -4.97
N SER D 65 27.80 -23.53 -4.68
CA SER D 65 27.13 -23.40 -3.40
C SER D 65 25.92 -22.49 -3.55
N GLY D 66 25.05 -22.55 -2.55
CA GLY D 66 23.86 -21.71 -2.53
C GLY D 66 22.57 -22.49 -2.55
N SER D 67 21.50 -21.87 -2.08
CA SER D 67 20.17 -22.46 -2.16
C SER D 67 19.15 -21.34 -2.10
N GLY D 68 17.98 -21.60 -2.69
CA GLY D 68 16.95 -20.59 -2.75
C GLY D 68 17.15 -19.61 -3.88
N THR D 69 17.83 -18.49 -3.60
CA THR D 69 17.94 -17.40 -4.56
C THR D 69 19.37 -17.03 -4.95
N ASP D 70 20.35 -17.27 -4.08
CA ASP D 70 21.73 -16.82 -4.33
C ASP D 70 22.62 -18.04 -4.54
N PHE D 71 23.32 -18.07 -5.67
CA PHE D 71 24.19 -19.17 -6.03
C PHE D 71 25.52 -18.60 -6.53
N THR D 72 26.60 -19.34 -6.27
CA THR D 72 27.92 -18.90 -6.69
C THR D 72 28.72 -20.07 -7.23
N LEU D 73 29.48 -19.80 -8.29
CA LEU D 73 30.43 -20.74 -8.87
C LEU D 73 31.84 -20.27 -8.54
N THR D 74 32.64 -21.16 -7.96
CA THR D 74 34.00 -20.82 -7.54
C THR D 74 35.01 -21.71 -8.23
N ILE D 75 36.00 -21.09 -8.86
CA ILE D 75 37.20 -21.78 -9.33
C ILE D 75 38.31 -21.42 -8.37
N SER D 76 38.79 -22.41 -7.60
CA SER D 76 39.72 -22.13 -6.52
C SER D 76 41.07 -21.62 -7.04
N SER D 77 41.50 -22.10 -8.20
CA SER D 77 42.79 -21.71 -8.76
C SER D 77 42.66 -21.74 -10.28
N LEU D 78 42.43 -20.58 -10.87
CA LEU D 78 42.11 -20.50 -12.30
C LEU D 78 43.27 -21.02 -13.15
N GLN D 79 42.95 -21.93 -14.05
CA GLN D 79 43.93 -22.57 -14.92
C GLN D 79 43.78 -22.10 -16.36
N PRO D 80 44.82 -22.25 -17.19
CA PRO D 80 44.73 -21.78 -18.58
C PRO D 80 43.54 -22.36 -19.34
N GLU D 81 43.15 -23.60 -19.05
CA GLU D 81 42.04 -24.23 -19.75
C GLU D 81 40.68 -23.79 -19.24
N ASP D 82 40.62 -22.87 -18.28
CA ASP D 82 39.36 -22.45 -17.67
C ASP D 82 38.84 -21.14 -18.24
N PHE D 83 39.59 -20.47 -19.11
CA PHE D 83 39.11 -19.24 -19.74
C PHE D 83 38.00 -19.57 -20.71
N ALA D 84 36.79 -19.17 -20.37
CA ALA D 84 35.59 -19.55 -21.11
C ALA D 84 34.44 -18.70 -20.57
N THR D 85 33.25 -18.95 -21.10
CA THR D 85 32.04 -18.32 -20.62
C THR D 85 31.23 -19.32 -19.80
N TYR D 86 30.71 -18.87 -18.67
CA TYR D 86 30.01 -19.73 -17.73
C TYR D 86 28.56 -19.28 -17.61
N TYR D 87 27.65 -20.26 -17.62
CA TYR D 87 26.21 -20.02 -17.57
C TYR D 87 25.61 -20.80 -16.41
N CYS D 88 24.73 -20.15 -15.67
CA CYS D 88 23.84 -20.84 -14.74
C CYS D 88 22.48 -21.02 -15.38
N GLN D 89 21.75 -22.03 -14.91
CA GLN D 89 20.44 -22.34 -15.45
C GLN D 89 19.59 -22.96 -14.36
N GLN D 90 18.42 -22.39 -14.11
CA GLN D 90 17.50 -22.97 -13.15
C GLN D 90 16.66 -24.05 -13.82
N SER D 91 16.49 -25.17 -13.11
CA SER D 91 15.66 -26.27 -13.56
C SER D 91 14.53 -26.55 -12.59
N TYR D 92 14.03 -25.49 -11.94
CA TYR D 92 13.04 -25.61 -10.87
C TYR D 92 11.61 -25.58 -11.41
N SER D 93 11.31 -24.66 -12.32
CA SER D 93 9.97 -24.58 -12.88
C SER D 93 10.05 -24.08 -14.31
N THR D 94 9.30 -24.72 -15.20
CA THR D 94 9.27 -24.32 -16.59
C THR D 94 8.61 -22.94 -16.70
N PRO D 95 9.06 -22.10 -17.66
CA PRO D 95 10.16 -22.37 -18.60
C PRO D 95 11.54 -22.24 -17.95
N LEU D 96 12.41 -23.20 -18.26
CA LEU D 96 13.77 -23.15 -17.72
C LEU D 96 14.52 -21.99 -18.36
N THR D 97 15.36 -21.32 -17.59
CA THR D 97 16.00 -20.09 -18.02
C THR D 97 17.47 -20.10 -17.63
N PHE D 98 18.31 -19.61 -18.54
CA PHE D 98 19.73 -19.42 -18.29
C PHE D 98 19.98 -18.00 -17.79
N GLY D 99 21.08 -17.85 -17.04
CA GLY D 99 21.65 -16.54 -16.85
C GLY D 99 22.32 -16.06 -18.13
N GLN D 100 22.67 -14.78 -18.15
CA GLN D 100 23.18 -14.17 -19.37
C GLN D 100 24.61 -14.57 -19.71
N GLY D 101 25.31 -15.24 -18.79
CA GLY D 101 26.66 -15.65 -19.07
C GLY D 101 27.70 -14.73 -18.47
N THR D 102 28.82 -15.31 -18.04
CA THR D 102 29.95 -14.58 -17.48
C THR D 102 31.20 -15.02 -18.21
N LYS D 103 31.83 -14.11 -18.97
CA LYS D 103 33.04 -14.44 -19.70
C LYS D 103 34.25 -14.21 -18.81
N VAL D 104 35.03 -15.26 -18.61
CA VAL D 104 36.29 -15.17 -17.88
C VAL D 104 37.41 -15.16 -18.91
N GLU D 105 38.12 -14.04 -19.02
CA GLU D 105 39.28 -13.94 -19.89
C GLU D 105 40.44 -13.37 -19.11
N ILE D 106 41.64 -13.51 -19.65
CA ILE D 106 42.85 -13.18 -18.90
C ILE D 106 43.03 -11.67 -18.84
N LYS D 107 43.59 -11.21 -17.74
CA LYS D 107 43.83 -9.79 -17.53
C LYS D 107 44.72 -9.23 -18.62
N ARG D 108 44.50 -7.94 -18.94
CA ARG D 108 45.26 -7.26 -19.98
C ARG D 108 46.75 -7.37 -19.72
N GLY D 109 47.50 -7.70 -20.77
CA GLY D 109 48.93 -7.94 -20.64
C GLY D 109 49.29 -9.24 -19.95
N GLY D 110 48.31 -10.09 -19.60
CA GLY D 110 48.61 -11.35 -18.96
C GLY D 110 48.91 -12.46 -19.95
N GLY D 111 49.61 -13.47 -19.48
CA GLY D 111 50.02 -14.60 -20.31
C GLY D 111 49.42 -15.90 -19.85
N SER D 112 48.95 -16.70 -20.81
CA SER D 112 48.33 -17.99 -20.53
C SER D 112 48.26 -18.78 -21.82
N GLY D 113 48.21 -20.11 -21.68
CA GLY D 113 48.10 -20.98 -22.84
C GLY D 113 47.60 -22.37 -22.51
N GLY D 114 46.42 -22.71 -23.02
CA GLY D 114 45.90 -24.05 -22.91
C GLY D 114 46.20 -24.86 -24.16
N SER D 115 45.95 -26.17 -24.06
CA SER D 115 46.20 -27.06 -25.19
C SER D 115 45.06 -27.07 -26.20
N GLY D 116 44.06 -26.21 -26.03
CA GLY D 116 42.92 -26.19 -26.92
C GLY D 116 41.92 -27.26 -26.54
N GLY D 117 41.13 -27.68 -27.52
CA GLY D 117 40.19 -28.78 -27.31
C GLY D 117 38.81 -28.33 -26.90
N CYS D 118 37.81 -28.93 -27.53
CA CYS D 118 36.41 -28.78 -27.17
C CYS D 118 35.91 -30.02 -26.46
N PRO D 119 34.92 -29.90 -25.57
CA PRO D 119 34.34 -31.07 -24.96
C PRO D 119 33.70 -31.96 -26.00
N PRO D 120 33.68 -33.27 -25.79
CA PRO D 120 33.09 -34.17 -26.79
C PRO D 120 31.60 -33.90 -26.97
N CYS D 121 31.17 -33.83 -28.21
CA CYS D 121 29.76 -33.64 -28.54
C CYS D 121 29.42 -34.52 -29.74
N GLY D 122 28.12 -34.64 -29.98
CA GLY D 122 27.66 -35.34 -31.17
C GLY D 122 28.10 -36.78 -31.18
N GLY D 123 28.65 -37.22 -32.32
CA GLY D 123 29.17 -38.56 -32.47
C GLY D 123 30.62 -38.74 -32.08
N SER D 124 31.26 -37.68 -31.59
CA SER D 124 32.69 -37.70 -31.29
C SER D 124 32.96 -37.89 -29.80
N GLU D 127 30.18 -44.91 -27.65
CA GLU D 127 29.62 -44.20 -26.49
C GLU D 127 28.29 -43.54 -26.85
N VAL D 128 27.84 -42.65 -25.97
CA VAL D 128 26.59 -41.93 -26.20
C VAL D 128 26.78 -40.94 -27.35
N GLN D 129 25.82 -40.91 -28.28
CA GLN D 129 25.91 -40.06 -29.44
C GLN D 129 24.59 -39.35 -29.68
N LEU D 130 24.67 -38.07 -30.05
CA LEU D 130 23.52 -37.27 -30.48
C LEU D 130 23.88 -36.59 -31.78
N LEU D 131 23.29 -37.05 -32.88
CA LEU D 131 23.62 -36.54 -34.21
C LEU D 131 22.52 -35.61 -34.70
N GLU D 132 22.87 -34.36 -34.96
CA GLU D 132 21.91 -33.35 -35.38
C GLU D 132 21.92 -33.16 -36.90
N SER D 133 20.80 -32.71 -37.43
CA SER D 133 20.68 -32.36 -38.84
C SER D 133 19.40 -31.56 -39.02
N GLY D 134 19.27 -30.95 -40.20
CA GLY D 134 18.11 -30.14 -40.54
C GLY D 134 18.37 -28.65 -40.61
N GLY D 135 19.52 -28.19 -40.12
CA GLY D 135 19.82 -26.78 -40.19
C GLY D 135 20.13 -26.31 -41.59
N GLY D 136 20.22 -25.00 -41.75
CA GLY D 136 20.56 -24.40 -43.01
C GLY D 136 19.85 -23.07 -43.17
N LEU D 137 19.89 -22.56 -44.40
CA LEU D 137 19.24 -21.29 -44.72
C LEU D 137 17.73 -21.49 -44.82
N VAL D 138 16.98 -20.53 -44.28
CA VAL D 138 15.53 -20.60 -44.27
C VAL D 138 14.99 -19.18 -44.40
N GLN D 139 13.83 -19.07 -45.03
CA GLN D 139 13.19 -17.80 -45.36
C GLN D 139 12.52 -17.20 -44.11
N PRO D 140 12.49 -15.88 -44.01
CA PRO D 140 11.75 -15.24 -42.92
C PRO D 140 10.29 -15.68 -42.94
N GLY D 141 9.76 -16.01 -41.75
CA GLY D 141 8.43 -16.56 -41.68
C GLY D 141 8.28 -17.95 -42.23
N GLY D 142 9.38 -18.62 -42.57
CA GLY D 142 9.35 -19.95 -43.13
C GLY D 142 9.23 -21.02 -42.06
N SER D 143 9.47 -22.26 -42.49
CA SER D 143 9.31 -23.43 -41.64
C SER D 143 10.49 -24.37 -41.84
N LEU D 144 10.84 -25.09 -40.77
CA LEU D 144 12.01 -25.96 -40.78
C LEU D 144 11.86 -26.97 -39.65
N ARG D 145 12.46 -28.15 -39.84
CA ARG D 145 12.40 -29.22 -38.86
C ARG D 145 13.81 -29.73 -38.58
N LEU D 146 14.20 -29.71 -37.31
CA LEU D 146 15.49 -30.20 -36.87
C LEU D 146 15.35 -31.63 -36.36
N SER D 147 16.38 -32.43 -36.60
CA SER D 147 16.42 -33.81 -36.15
C SER D 147 17.65 -34.05 -35.29
N CYS D 148 17.50 -34.96 -34.33
CA CYS D 148 18.57 -35.31 -33.39
C CYS D 148 18.50 -36.81 -33.19
N ALA D 149 19.40 -37.54 -33.86
CA ALA D 149 19.40 -39.00 -33.81
C ALA D 149 20.24 -39.46 -32.63
N ALA D 150 19.64 -40.28 -31.77
CA ALA D 150 20.30 -40.73 -30.55
C ALA D 150 20.68 -42.21 -30.65
N SER D 151 21.82 -42.55 -30.06
CA SER D 151 22.25 -43.93 -29.94
C SER D 151 23.17 -44.05 -28.74
N GLY D 152 23.36 -45.28 -28.28
CA GLY D 152 24.22 -45.54 -27.15
C GLY D 152 23.54 -45.48 -25.79
N PHE D 153 22.23 -45.31 -25.75
CA PHE D 153 21.51 -45.29 -24.48
C PHE D 153 20.04 -45.57 -24.75
N THR D 154 19.31 -45.90 -23.69
CA THR D 154 17.88 -46.19 -23.82
C THR D 154 17.14 -44.86 -23.96
N PHE D 155 16.86 -44.48 -25.20
CA PHE D 155 16.37 -43.14 -25.50
C PHE D 155 15.13 -42.78 -24.69
N SER D 156 14.17 -43.70 -24.61
CA SER D 156 12.92 -43.42 -23.93
C SER D 156 13.07 -43.25 -22.43
N SER D 157 14.24 -43.54 -21.86
CA SER D 157 14.48 -43.37 -20.43
C SER D 157 14.95 -41.97 -20.08
N TYR D 158 14.99 -41.05 -21.05
CA TYR D 158 15.56 -39.72 -20.83
C TYR D 158 14.68 -38.66 -21.46
N ALA D 159 14.38 -37.62 -20.70
CA ALA D 159 13.85 -36.40 -21.28
C ALA D 159 14.92 -35.75 -22.15
N MET D 160 14.47 -34.91 -23.08
CA MET D 160 15.36 -34.26 -24.04
C MET D 160 15.03 -32.77 -24.11
N SER D 161 15.98 -31.99 -24.64
CA SER D 161 15.84 -30.55 -24.66
C SER D 161 16.48 -29.97 -25.91
N TRP D 162 15.99 -28.80 -26.31
CA TRP D 162 16.61 -27.98 -27.34
C TRP D 162 17.04 -26.67 -26.71
N VAL D 163 18.31 -26.31 -26.91
CA VAL D 163 18.86 -25.04 -26.45
C VAL D 163 19.54 -24.38 -27.63
N ARG D 164 19.26 -23.09 -27.85
CA ARG D 164 19.83 -22.38 -28.98
C ARG D 164 20.76 -21.28 -28.49
N GLN D 165 21.62 -20.83 -29.41
CA GLN D 165 22.61 -19.80 -29.12
C GLN D 165 22.72 -18.91 -30.35
N ALA D 166 22.21 -17.69 -30.26
CA ALA D 166 22.36 -16.73 -31.34
C ALA D 166 23.84 -16.39 -31.52
N PRO D 167 24.26 -16.02 -32.74
CA PRO D 167 25.65 -15.61 -32.96
C PRO D 167 26.11 -14.54 -31.98
N GLY D 168 27.17 -14.85 -31.23
CA GLY D 168 27.70 -13.92 -30.25
C GLY D 168 26.80 -13.62 -29.07
N LYS D 169 25.76 -14.41 -28.84
CA LYS D 169 24.87 -14.22 -27.71
C LYS D 169 24.94 -15.45 -26.79
N GLY D 170 24.07 -15.47 -25.78
CA GLY D 170 24.14 -16.50 -24.75
C GLY D 170 23.31 -17.72 -25.08
N LEU D 171 23.36 -18.69 -24.16
CA LEU D 171 22.52 -19.87 -24.26
C LEU D 171 21.07 -19.51 -23.96
N GLU D 172 20.16 -20.11 -24.72
CA GLU D 172 18.74 -19.79 -24.63
C GLU D 172 17.94 -21.10 -24.69
N TRP D 173 17.30 -21.44 -23.58
CA TRP D 173 16.48 -22.64 -23.54
C TRP D 173 15.26 -22.48 -24.43
N VAL D 174 14.98 -23.50 -25.25
CA VAL D 174 13.90 -23.45 -26.22
C VAL D 174 12.74 -24.36 -25.83
N SER D 175 13.02 -25.63 -25.56
CA SER D 175 11.95 -26.59 -25.33
C SER D 175 12.50 -27.83 -24.66
N ALA D 176 11.60 -28.57 -24.00
CA ALA D 176 11.93 -29.85 -23.41
C ALA D 176 10.76 -30.81 -23.59
N ILE D 177 11.07 -32.11 -23.62
CA ILE D 177 10.06 -33.15 -23.79
C ILE D 177 10.40 -34.31 -22.88
N SER D 178 9.37 -34.87 -22.25
CA SER D 178 9.55 -35.99 -21.34
C SER D 178 9.98 -37.24 -22.12
N GLY D 179 10.43 -38.25 -21.37
CA GLY D 179 10.92 -39.47 -22.01
C GLY D 179 9.88 -40.16 -22.84
N SER D 180 8.63 -40.13 -22.41
CA SER D 180 7.54 -40.75 -23.15
C SER D 180 6.95 -39.84 -24.22
N GLY D 181 7.18 -38.54 -24.13
CA GLY D 181 6.54 -37.58 -25.00
C GLY D 181 5.22 -37.04 -24.49
N GLY D 182 4.77 -37.48 -23.31
CA GLY D 182 3.48 -37.06 -22.79
C GLY D 182 3.47 -35.64 -22.25
N SER D 183 4.63 -35.06 -22.01
CA SER D 183 4.72 -33.70 -21.48
C SER D 183 5.71 -32.91 -22.34
N THR D 184 5.31 -31.70 -22.75
CA THR D 184 6.15 -30.83 -23.54
C THR D 184 6.15 -29.43 -22.93
N TYR D 185 7.32 -28.81 -22.93
CA TYR D 185 7.52 -27.51 -22.33
C TYR D 185 8.25 -26.60 -23.31
N TYR D 186 7.95 -25.31 -23.27
CA TYR D 186 8.50 -24.37 -24.23
C TYR D 186 8.89 -23.08 -23.55
N ALA D 187 9.86 -22.39 -24.15
CA ALA D 187 10.13 -21.01 -23.76
C ALA D 187 9.00 -20.11 -24.24
N ASP D 188 8.83 -18.97 -23.56
CA ASP D 188 7.72 -18.08 -23.86
C ASP D 188 7.77 -17.59 -25.30
N SER D 189 8.97 -17.24 -25.78
CA SER D 189 9.09 -16.60 -27.08
C SER D 189 8.96 -17.56 -28.26
N VAL D 190 8.65 -18.84 -28.03
CA VAL D 190 8.44 -19.80 -29.09
C VAL D 190 7.12 -20.55 -28.98
N LYS D 191 6.35 -20.36 -27.91
CA LYS D 191 5.08 -21.06 -27.79
C LYS D 191 4.14 -20.64 -28.91
N GLY D 192 3.48 -21.63 -29.52
CA GLY D 192 2.63 -21.41 -30.67
C GLY D 192 3.33 -21.47 -32.00
N ARG D 193 4.66 -21.38 -32.02
CA ARG D 193 5.45 -21.45 -33.24
C ARG D 193 6.27 -22.73 -33.37
N PHE D 194 6.83 -23.23 -32.27
CA PHE D 194 7.66 -24.42 -32.28
C PHE D 194 6.90 -25.59 -31.66
N THR D 195 7.22 -26.80 -32.14
CA THR D 195 6.65 -28.02 -31.58
C THR D 195 7.76 -29.04 -31.42
N ILE D 196 7.99 -29.48 -30.19
CA ILE D 196 8.95 -30.54 -29.92
C ILE D 196 8.22 -31.87 -29.94
N SER D 197 8.89 -32.89 -30.47
CA SER D 197 8.33 -34.23 -30.47
C SER D 197 9.48 -35.22 -30.53
N ARG D 198 9.15 -36.50 -30.38
CA ARG D 198 10.16 -37.54 -30.44
C ARG D 198 9.51 -38.83 -30.90
N ASP D 199 10.29 -39.65 -31.60
CA ASP D 199 9.86 -40.95 -32.10
C ASP D 199 10.67 -42.00 -31.36
N ASN D 200 10.11 -42.59 -30.33
CA ASN D 200 10.89 -43.50 -29.48
C ASN D 200 11.30 -44.76 -30.22
N SER D 201 10.57 -45.15 -31.27
CA SER D 201 10.97 -46.29 -32.08
C SER D 201 12.21 -45.98 -32.91
N LYS D 202 12.36 -44.72 -33.35
CA LYS D 202 13.47 -44.33 -34.21
C LYS D 202 14.61 -43.63 -33.47
N ASN D 203 14.52 -43.51 -32.15
CA ASN D 203 15.56 -42.92 -31.29
C ASN D 203 15.94 -41.50 -31.76
N THR D 204 14.91 -40.71 -32.11
CA THR D 204 15.08 -39.40 -32.71
C THR D 204 14.20 -38.33 -32.07
N LEU D 205 14.81 -37.18 -31.80
CA LEU D 205 14.13 -35.99 -31.31
C LEU D 205 13.94 -34.99 -32.44
N TYR D 206 12.80 -34.29 -32.43
CA TYR D 206 12.48 -33.33 -33.47
C TYR D 206 12.12 -31.97 -32.87
N LEU D 207 12.49 -30.92 -33.60
CA LEU D 207 12.04 -29.56 -33.29
C LEU D 207 11.46 -28.97 -34.57
N GLN D 208 10.13 -28.85 -34.62
CA GLN D 208 9.44 -28.25 -35.75
C GLN D 208 9.33 -26.75 -35.51
N MET D 209 9.94 -25.97 -36.39
CA MET D 209 10.01 -24.52 -36.24
C MET D 209 9.17 -23.85 -37.32
N ASN D 210 8.26 -22.98 -36.92
CA ASN D 210 7.38 -22.28 -37.84
C ASN D 210 7.46 -20.77 -37.59
N SER D 211 7.11 -20.00 -38.63
CA SER D 211 7.03 -18.54 -38.55
C SER D 211 8.32 -17.94 -38.00
N LEU D 212 9.44 -18.31 -38.63
CA LEU D 212 10.75 -17.93 -38.11
C LEU D 212 11.00 -16.44 -38.25
N ARG D 213 11.63 -15.86 -37.22
CA ARG D 213 12.06 -14.48 -37.20
C ARG D 213 13.59 -14.42 -37.13
N ALA D 214 14.13 -13.20 -37.11
CA ALA D 214 15.58 -13.05 -36.93
C ALA D 214 16.02 -13.52 -35.56
N GLU D 215 15.15 -13.39 -34.55
CA GLU D 215 15.42 -13.90 -33.22
C GLU D 215 15.71 -15.40 -33.22
N ASP D 216 15.27 -16.13 -34.24
CA ASP D 216 15.47 -17.56 -34.31
C ASP D 216 16.79 -17.95 -34.96
N THR D 217 17.47 -17.01 -35.62
CA THR D 217 18.80 -17.31 -36.16
C THR D 217 19.74 -17.69 -35.04
N ALA D 218 20.14 -18.96 -34.97
CA ALA D 218 20.97 -19.43 -33.89
C ALA D 218 21.50 -20.82 -34.23
N VAL D 219 22.55 -21.21 -33.53
CA VAL D 219 22.95 -22.61 -33.45
C VAL D 219 21.98 -23.32 -32.51
N TYR D 220 21.44 -24.44 -32.95
CA TYR D 220 20.46 -25.19 -32.17
C TYR D 220 21.07 -26.49 -31.69
N TYR D 221 21.12 -26.66 -30.38
CA TYR D 221 21.62 -27.87 -29.74
C TYR D 221 20.47 -28.73 -29.26
N CYS D 222 20.58 -30.05 -29.45
CA CYS D 222 19.81 -30.98 -28.65
C CYS D 222 20.67 -31.47 -27.50
N ALA D 223 20.02 -31.82 -26.39
CA ALA D 223 20.76 -32.21 -25.20
C ALA D 223 19.96 -33.26 -24.44
N LYS D 224 20.69 -34.14 -23.77
CA LYS D 224 20.12 -35.25 -23.03
C LYS D 224 20.09 -34.91 -21.54
N TYR D 225 18.90 -34.98 -20.94
CA TYR D 225 18.80 -34.85 -19.50
C TYR D 225 19.40 -36.06 -18.81
N ASP D 226 19.71 -35.90 -17.54
CA ASP D 226 20.22 -37.01 -16.75
C ASP D 226 19.82 -36.78 -15.30
N GLY D 227 19.56 -37.87 -14.60
CA GLY D 227 19.25 -37.76 -13.18
C GLY D 227 17.89 -37.15 -12.92
N ILE D 228 17.83 -36.32 -11.88
CA ILE D 228 16.56 -35.85 -11.34
C ILE D 228 16.55 -34.33 -11.19
N TYR D 229 17.72 -33.71 -11.33
CA TYR D 229 17.85 -32.28 -11.10
C TYR D 229 17.82 -31.45 -12.37
N GLY D 230 17.43 -32.04 -13.50
CA GLY D 230 17.25 -31.27 -14.72
C GLY D 230 18.54 -30.86 -15.41
N GLU D 231 19.64 -31.53 -15.12
CA GLU D 231 20.92 -31.20 -15.75
C GLU D 231 21.03 -31.87 -17.11
N LEU D 232 21.72 -31.19 -18.02
CA LEU D 232 21.93 -31.68 -19.38
C LEU D 232 23.38 -32.15 -19.50
N ASP D 233 23.57 -33.47 -19.53
CA ASP D 233 24.91 -34.04 -19.42
C ASP D 233 25.58 -34.33 -20.76
N PHE D 234 24.81 -34.45 -21.85
CA PHE D 234 25.42 -34.68 -23.15
C PHE D 234 24.71 -33.86 -24.21
N TRP D 235 25.49 -33.30 -25.14
CA TRP D 235 25.00 -32.34 -26.10
C TRP D 235 25.36 -32.76 -27.51
N GLY D 236 24.48 -32.46 -28.45
CA GLY D 236 24.87 -32.45 -29.84
C GLY D 236 25.84 -31.32 -30.10
N CYS D 237 26.50 -31.38 -31.25
CA CYS D 237 27.44 -30.31 -31.58
C CYS D 237 26.76 -29.07 -32.12
N GLY D 238 25.46 -29.10 -32.34
CA GLY D 238 24.73 -27.95 -32.81
C GLY D 238 24.58 -27.94 -34.32
N THR D 239 23.49 -27.33 -34.78
CA THR D 239 23.24 -27.14 -36.20
C THR D 239 22.72 -25.73 -36.41
N LEU D 240 23.25 -25.05 -37.42
CA LEU D 240 23.01 -23.63 -37.60
C LEU D 240 21.76 -23.38 -38.43
N VAL D 241 20.85 -22.56 -37.91
CA VAL D 241 19.66 -22.11 -38.62
C VAL D 241 19.82 -20.62 -38.87
N THR D 242 19.78 -20.22 -40.14
CA THR D 242 19.94 -18.83 -40.53
C THR D 242 18.69 -18.37 -41.28
N VAL D 243 18.07 -17.30 -40.79
CA VAL D 243 16.90 -16.71 -41.42
C VAL D 243 17.36 -15.69 -42.44
N SER D 244 16.97 -15.87 -43.70
CA SER D 244 17.50 -15.04 -44.78
C SER D 244 16.55 -15.08 -45.97
N SER D 245 16.21 -13.91 -46.51
CA SER D 245 15.30 -13.81 -47.64
C SER D 245 16.03 -13.50 -48.94
S SO4 E . -4.99 22.18 6.05
O1 SO4 E . -4.46 23.08 5.03
O2 SO4 E . -4.12 22.22 7.23
O3 SO4 E . -5.00 20.82 5.55
O4 SO4 E . -6.36 22.56 6.39
#